data_5U3W
#
_entry.id   5U3W
#
_cell.length_a   39.560
_cell.length_b   94.810
_cell.length_c   96.610
_cell.angle_alpha   90.00
_cell.angle_beta   98.27
_cell.angle_gamma   90.00
#
_symmetry.space_group_name_H-M   'P 1 21 1'
#
loop_
_entity.id
_entity.type
_entity.pdbx_description
1 polymer 'Peroxisome proliferator-activated receptor delta'
2 non-polymer 'heptyl beta-D-glucopyranoside'
3 non-polymer "6-(2-{[([1,1'-biphenyl]-4-carbonyl)(cyclopropyl)amino]methyl}phenoxy)hexanoic acid"
4 non-polymer S-1,2-PROPANEDIOL
5 non-polymer DI(HYDROXYETHYL)ETHER
6 water water
#
_entity_poly.entity_id   1
_entity_poly.type   'polypeptide(L)'
_entity_poly.pdbx_seq_one_letter_code
;PQVADLKAFSKHIYNAYLKNFNMTKKKARSILTGKASHTAPFVIHDIETLWQAEKGLVWKQLVNGLPPYKEISVHVFYRC
Q(CME)TTVETVRELTEFAKSIPSFSSLFLNDQVTLLKYGVHEAIFAMLASIVNKDGLLVANGSGFVTREFLRSLRKPFS
DIIEPKFEFAVKFNALELDDSDLALFIAAIILCGDRPGLMNVPRVEAIQDTILRALEFHLQANHPDAQYLFPKLLQKMAD
LRQLVTEHAQMMQRIKKTETETSLHPLLQEIYKDMY
;
_entity_poly.pdbx_strand_id   A,B
#
loop_
_chem_comp.id
_chem_comp.type
_chem_comp.name
_chem_comp.formula
7U1 non-polymer '6-(2-{[([1,1'-biphenyl]-4-carbonyl)(cyclopropyl)amino]methyl}phenoxy)hexanoic acid' 'C29 H31 N O4'
B7G D-saccharide 'heptyl beta-D-glucopyranoside' 'C13 H26 O6'
PEG non-polymer DI(HYDROXYETHYL)ETHER 'C4 H10 O3'
PGO non-polymer S-1,2-PROPANEDIOL 'C3 H8 O2'
#
# COMPACT_ATOMS: atom_id res chain seq x y z
N PRO A 1 10.61 -10.40 30.91
CA PRO A 1 11.04 -10.41 29.50
C PRO A 1 9.94 -9.90 28.57
N GLN A 2 8.73 -10.40 28.78
CA GLN A 2 7.58 -9.98 28.00
C GLN A 2 7.30 -8.50 28.27
N VAL A 3 7.32 -8.11 29.54
CA VAL A 3 7.02 -6.73 29.92
C VAL A 3 8.10 -5.77 29.36
N ALA A 4 9.33 -6.25 29.35
CA ALA A 4 10.46 -5.49 28.83
C ALA A 4 10.40 -5.29 27.32
N ASP A 5 10.18 -6.39 26.57
CA ASP A 5 10.15 -6.30 25.10
C ASP A 5 9.01 -5.39 24.64
N LEU A 6 7.90 -5.43 25.37
CA LEU A 6 6.74 -4.69 24.96
C LEU A 6 6.91 -3.19 25.25
N LYS A 7 7.72 -2.88 26.24
CA LYS A 7 8.05 -1.50 26.52
C LYS A 7 8.79 -0.87 25.33
N ALA A 8 9.77 -1.60 24.80
CA ALA A 8 10.52 -1.11 23.63
C ALA A 8 9.61 -0.97 22.42
N PHE A 9 8.72 -1.94 22.25
CA PHE A 9 7.71 -1.90 21.20
C PHE A 9 6.87 -0.62 21.31
N SER A 10 6.42 -0.32 22.52
CA SER A 10 5.50 0.79 22.70
C SER A 10 6.20 2.10 22.40
N LYS A 11 7.48 2.19 22.75
CA LYS A 11 8.26 3.39 22.47
C LYS A 11 8.42 3.62 20.96
N HIS A 12 8.63 2.56 20.19
N HIS A 12 8.68 2.55 20.22
CA HIS A 12 8.69 2.70 18.73
CA HIS A 12 8.81 2.65 18.76
C HIS A 12 7.34 3.16 18.15
C HIS A 12 7.51 3.09 18.09
N ILE A 13 6.25 2.59 18.65
N ILE A 13 6.37 2.68 18.63
CA ILE A 13 4.93 3.05 18.23
CA ILE A 13 5.11 3.13 18.07
C ILE A 13 4.77 4.55 18.52
C ILE A 13 4.81 4.58 18.48
N TYR A 14 5.13 4.95 19.72
CA TYR A 14 4.99 6.36 20.13
C TYR A 14 5.83 7.27 19.22
N ASN A 15 7.02 6.81 18.87
CA ASN A 15 7.88 7.65 18.02
C ASN A 15 7.30 7.81 16.62
N ALA A 16 6.68 6.73 16.10
CA ALA A 16 6.01 6.80 14.80
C ALA A 16 4.88 7.83 14.82
N TYR A 17 4.19 7.87 15.94
CA TYR A 17 3.10 8.80 16.16
C TYR A 17 3.61 10.24 16.19
N LEU A 18 4.66 10.52 16.96
CA LEU A 18 5.19 11.87 17.07
C LEU A 18 5.75 12.39 15.75
N LYS A 19 6.28 11.46 14.98
CA LYS A 19 6.86 11.73 13.69
C LYS A 19 5.84 12.11 12.66
N ASN A 20 4.65 11.54 12.76
CA ASN A 20 3.71 11.61 11.64
C ASN A 20 2.42 12.42 11.81
N PHE A 21 1.95 12.66 13.04
CA PHE A 21 0.72 13.41 13.16
C PHE A 21 0.98 14.88 13.38
N ASN A 22 0.09 15.67 12.77
CA ASN A 22 0.26 17.11 12.68
C ASN A 22 0.08 17.74 14.04
N MET A 23 -0.87 17.24 14.81
CA MET A 23 -1.04 17.75 16.17
C MET A 23 -1.14 16.67 17.23
N THR A 24 -0.44 16.87 18.33
CA THR A 24 -0.59 15.99 19.48
C THR A 24 -1.81 16.35 20.34
N LYS A 25 -2.29 15.40 21.15
CA LYS A 25 -3.23 15.78 22.18
C LYS A 25 -2.63 16.77 23.16
N LYS A 26 -1.35 16.63 23.51
CA LYS A 26 -0.74 17.54 24.46
C LYS A 26 -0.85 18.98 23.92
N LYS A 27 -0.50 19.18 22.66
CA LYS A 27 -0.64 20.51 22.04
C LYS A 27 -2.09 20.96 22.03
N ALA A 28 -2.98 20.09 21.59
CA ALA A 28 -4.38 20.45 21.45
C ALA A 28 -5.01 20.84 22.80
N ARG A 29 -4.76 20.08 23.86
N ARG A 29 -4.76 20.09 23.88
CA ARG A 29 -5.32 20.41 25.16
CA ARG A 29 -5.38 20.45 25.14
C ARG A 29 -4.81 21.76 25.66
C ARG A 29 -4.79 21.75 25.71
N SER A 30 -3.53 22.05 25.41
CA SER A 30 -2.94 23.28 25.90
C SER A 30 -3.58 24.49 25.19
N ILE A 31 -3.86 24.36 23.90
CA ILE A 31 -4.63 25.36 23.18
C ILE A 31 -6.07 25.47 23.69
N LEU A 32 -6.74 24.35 23.84
CA LEU A 32 -8.14 24.34 24.26
C LEU A 32 -8.35 24.87 25.69
N THR A 33 -7.34 24.77 26.55
CA THR A 33 -7.48 25.27 27.92
C THR A 33 -6.89 26.67 28.10
N GLY A 34 -6.18 27.16 27.08
CA GLY A 34 -5.55 28.46 27.15
C GLY A 34 -4.11 28.43 27.62
N LYS A 35 -3.68 27.27 28.09
CA LYS A 35 -2.31 27.11 28.58
C LYS A 35 -1.32 27.06 27.42
N ALA A 40 -4.61 33.03 20.72
CA ALA A 40 -5.81 32.28 21.04
C ALA A 40 -6.55 31.95 19.77
N PRO A 41 -7.17 30.75 19.69
CA PRO A 41 -7.89 30.49 18.44
C PRO A 41 -9.06 31.45 18.19
N PHE A 42 -9.26 31.71 16.92
CA PHE A 42 -10.34 32.57 16.42
C PHE A 42 -11.60 31.75 16.47
N VAL A 43 -12.67 32.26 17.09
CA VAL A 43 -13.87 31.45 17.26
C VAL A 43 -14.82 31.59 16.09
N ILE A 44 -15.07 30.47 15.38
CA ILE A 44 -16.10 30.42 14.36
C ILE A 44 -17.41 29.93 14.95
N HIS A 45 -18.38 30.83 15.04
CA HIS A 45 -19.66 30.50 15.65
C HIS A 45 -20.89 30.93 14.82
N ASP A 46 -20.63 31.51 13.65
CA ASP A 46 -21.73 31.92 12.76
C ASP A 46 -21.22 32.23 11.34
N ILE A 47 -22.12 32.64 10.45
CA ILE A 47 -21.70 32.82 9.07
C ILE A 47 -20.63 33.91 8.95
N GLU A 48 -20.80 35.04 9.64
CA GLU A 48 -19.83 36.13 9.52
C GLU A 48 -18.41 35.79 10.01
N THR A 49 -18.33 34.98 11.07
CA THR A 49 -17.01 34.60 11.57
C THR A 49 -16.42 33.50 10.70
N LEU A 50 -17.26 32.62 10.12
CA LEU A 50 -16.78 31.67 9.10
C LEU A 50 -16.13 32.40 7.95
N TRP A 51 -16.79 33.44 7.48
CA TRP A 51 -16.25 34.25 6.39
C TRP A 51 -14.94 34.93 6.80
N GLN A 52 -14.93 35.59 7.94
CA GLN A 52 -13.70 36.22 8.40
C GLN A 52 -12.56 35.18 8.52
N ALA A 53 -12.85 33.99 9.00
CA ALA A 53 -11.82 32.97 9.11
C ALA A 53 -11.30 32.51 7.75
N GLU A 54 -12.18 32.36 6.76
CA GLU A 54 -11.74 32.02 5.40
C GLU A 54 -10.90 33.16 4.83
N LYS A 55 -11.13 34.38 5.29
CA LYS A 55 -10.28 35.51 4.88
C LYS A 55 -8.98 35.56 5.69
N GLY A 56 -9.03 35.15 6.96
CA GLY A 56 -7.97 35.46 7.90
C GLY A 56 -7.20 34.33 8.56
N LEU A 57 -7.63 33.09 8.39
CA LEU A 57 -6.89 31.95 8.94
C LEU A 57 -6.20 31.18 7.84
N VAL A 58 -5.10 30.55 8.23
CA VAL A 58 -4.27 29.75 7.34
C VAL A 58 -4.76 28.32 7.38
N TRP A 59 -5.26 27.84 6.25
CA TRP A 59 -5.74 26.48 6.15
C TRP A 59 -4.75 25.69 5.30
N LYS A 60 -4.52 24.43 5.71
CA LYS A 60 -3.66 23.53 4.95
C LYS A 60 -4.13 23.46 3.51
N GLN A 61 -5.45 23.41 3.36
CA GLN A 61 -6.10 23.34 2.07
C GLN A 61 -6.60 24.73 1.65
N LEU A 62 -5.89 25.37 0.73
CA LEU A 62 -6.30 26.65 0.16
C LEU A 62 -7.74 26.57 -0.32
N VAL A 63 -8.55 27.57 0.04
CA VAL A 63 -9.98 27.55 -0.21
C VAL A 63 -10.30 27.40 -1.69
N ASN A 64 -9.37 27.83 -2.56
CA ASN A 64 -9.57 27.71 -3.99
C ASN A 64 -9.45 26.26 -4.47
N GLY A 65 -8.87 25.40 -3.62
CA GLY A 65 -8.68 24.01 -3.95
C GLY A 65 -9.82 23.12 -3.49
N LEU A 66 -10.70 23.67 -2.65
CA LEU A 66 -11.94 22.98 -2.33
C LEU A 66 -12.76 22.87 -3.59
N PRO A 67 -13.75 21.97 -3.60
CA PRO A 67 -14.68 21.97 -4.75
C PRO A 67 -15.39 23.31 -4.90
N PRO A 68 -16.03 23.57 -6.05
CA PRO A 68 -16.77 24.82 -6.28
C PRO A 68 -17.78 25.10 -5.18
N TYR A 69 -17.94 26.36 -4.82
CA TYR A 69 -18.84 26.73 -3.74
C TYR A 69 -20.30 26.41 -4.04
N LYS A 70 -21.03 25.95 -3.02
CA LYS A 70 -22.46 25.62 -3.16
C LYS A 70 -23.33 26.33 -2.11
N GLU A 71 -23.05 26.13 -0.82
CA GLU A 71 -23.78 26.78 0.28
C GLU A 71 -22.97 26.58 1.57
N ILE A 72 -23.33 27.26 2.66
CA ILE A 72 -22.60 27.21 3.91
C ILE A 72 -22.44 25.77 4.45
N SER A 73 -23.51 24.99 4.45
CA SER A 73 -23.46 23.65 5.07
C SER A 73 -22.55 22.73 4.30
N VAL A 74 -22.59 22.86 2.97
CA VAL A 74 -21.76 22.07 2.07
C VAL A 74 -20.31 22.53 2.15
N HIS A 75 -20.09 23.85 2.25
CA HIS A 75 -18.74 24.35 2.45
C HIS A 75 -18.10 23.75 3.68
N VAL A 76 -18.87 23.69 4.77
CA VAL A 76 -18.36 23.12 5.99
C VAL A 76 -18.05 21.64 5.74
N PHE A 77 -18.94 20.97 5.03
CA PHE A 77 -18.72 19.53 4.72
C PHE A 77 -17.42 19.37 3.90
N TYR A 78 -17.15 20.29 2.98
CA TYR A 78 -15.94 20.19 2.17
C TYR A 78 -14.67 20.34 3.00
N ARG A 79 -14.71 21.20 4.00
CA ARG A 79 -13.55 21.35 4.89
C ARG A 79 -13.41 20.11 5.78
N CYS A 80 -14.53 19.52 6.17
CA CYS A 80 -14.48 18.23 6.95
C CYS A 80 -13.85 17.14 6.10
N GLN A 81 -14.21 17.13 4.83
CA GLN A 81 -13.73 16.14 3.89
C GLN A 81 -12.23 16.33 3.60
N CME A 82 -11.79 17.58 3.43
CA CME A 82 -10.37 17.81 3.21
CB CME A 82 -10.08 19.24 2.80
SG CME A 82 -10.64 19.53 1.13
SD CME A 82 -10.01 18.12 -0.24
CE CME A 82 -8.28 18.28 -0.59
CZ CME A 82 -7.60 16.99 -0.19
OH CME A 82 -6.45 16.76 -0.99
C CME A 82 -9.53 17.40 4.40
O CME A 82 -8.41 16.81 4.22
HA CME A 82 -10.10 17.24 2.46
HB2 CME A 82 -9.11 19.39 2.85
HB3 CME A 82 -10.53 19.86 3.41
HE2 CME A 82 -7.90 19.02 -0.08
HE3 CME A 82 -8.15 18.44 -1.55
HZ2 CME A 82 -8.22 16.25 -0.31
HZ3 CME A 82 -7.33 17.04 0.76
HH CME A 82 -5.75 16.57 -0.46
N THR A 83 -10.02 17.65 5.61
CA THR A 83 -9.29 17.29 6.81
C THR A 83 -9.25 15.76 6.96
N THR A 84 -10.35 15.10 6.60
CA THR A 84 -10.45 13.64 6.70
C THR A 84 -9.39 12.99 5.79
N VAL A 85 -9.25 13.49 4.57
CA VAL A 85 -8.30 12.96 3.60
C VAL A 85 -6.89 13.22 4.08
N GLU A 86 -6.66 14.39 4.66
CA GLU A 86 -5.32 14.72 5.19
C GLU A 86 -4.94 13.76 6.34
N THR A 87 -5.93 13.35 7.12
CA THR A 87 -5.68 12.49 8.26
C THR A 87 -5.49 11.03 7.75
N VAL A 88 -6.20 10.60 6.72
CA VAL A 88 -5.88 9.33 6.07
C VAL A 88 -4.42 9.29 5.65
N ARG A 89 -3.92 10.39 5.10
CA ARG A 89 -2.50 10.46 4.73
C ARG A 89 -1.55 10.30 5.89
N GLU A 90 -1.83 10.97 7.01
CA GLU A 90 -0.98 10.84 8.19
C GLU A 90 -1.06 9.41 8.76
N LEU A 91 -2.26 8.82 8.79
CA LEU A 91 -2.44 7.48 9.34
C LEU A 91 -1.71 6.46 8.50
N THR A 92 -1.63 6.71 7.19
CA THR A 92 -0.93 5.82 6.29
C THR A 92 0.59 5.87 6.59
N GLU A 93 1.10 7.06 6.84
CA GLU A 93 2.53 7.21 7.13
C GLU A 93 2.82 6.67 8.52
N PHE A 94 1.90 6.88 9.46
CA PHE A 94 2.04 6.28 10.78
C PHE A 94 2.15 4.74 10.70
N ALA A 95 1.22 4.14 9.97
CA ALA A 95 1.15 2.71 9.83
C ALA A 95 2.42 2.19 9.17
N LYS A 96 2.88 2.89 8.14
CA LYS A 96 4.11 2.48 7.43
C LYS A 96 5.36 2.68 8.30
N SER A 97 5.30 3.54 9.32
CA SER A 97 6.44 3.72 10.24
C SER A 97 6.44 2.62 11.30
N ILE A 98 5.46 1.73 11.24
CA ILE A 98 5.40 0.57 12.15
C ILE A 98 5.93 -0.69 11.42
N PRO A 99 7.09 -1.23 11.84
CA PRO A 99 7.75 -2.27 11.02
C PRO A 99 6.87 -3.48 10.67
N SER A 100 6.06 -3.98 11.60
CA SER A 100 5.26 -5.18 11.33
C SER A 100 4.12 -4.90 10.35
N PHE A 101 3.65 -3.66 10.30
CA PHE A 101 2.71 -3.29 9.24
C PHE A 101 3.39 -3.24 7.88
N SER A 102 4.55 -2.57 7.81
CA SER A 102 5.27 -2.44 6.55
C SER A 102 5.70 -3.78 5.95
N SER A 103 5.77 -4.81 6.78
CA SER A 103 6.14 -6.15 6.31
C SER A 103 5.00 -6.95 5.70
N LEU A 104 3.77 -6.54 5.97
CA LEU A 104 2.62 -7.15 5.31
C LEU A 104 2.69 -6.81 3.83
N PHE A 105 2.11 -7.65 2.98
CA PHE A 105 2.04 -7.31 1.57
C PHE A 105 1.19 -6.05 1.42
N LEU A 106 1.57 -5.22 0.47
CA LEU A 106 0.89 -3.97 0.24
C LEU A 106 -0.65 -4.08 0.15
N ASN A 107 -1.18 -5.17 -0.41
CA ASN A 107 -2.63 -5.33 -0.49
C ASN A 107 -3.30 -5.47 0.88
N ASP A 108 -2.72 -6.22 1.79
CA ASP A 108 -3.26 -6.23 3.13
C ASP A 108 -3.09 -4.87 3.83
N GLN A 109 -2.04 -4.11 3.50
CA GLN A 109 -1.87 -2.81 4.09
C GLN A 109 -3.06 -1.95 3.73
N VAL A 110 -3.49 -2.02 2.48
CA VAL A 110 -4.62 -1.25 1.99
C VAL A 110 -5.93 -1.68 2.62
N THR A 111 -6.12 -2.96 2.74
CA THR A 111 -7.30 -3.48 3.40
C THR A 111 -7.46 -3.02 4.84
N LEU A 112 -6.37 -3.01 5.62
CA LEU A 112 -6.39 -2.54 6.98
C LEU A 112 -6.68 -1.04 7.06
N LEU A 113 -6.08 -0.26 6.19
CA LEU A 113 -6.31 1.18 6.16
C LEU A 113 -7.75 1.47 5.74
N LYS A 114 -8.23 0.81 4.69
CA LYS A 114 -9.59 1.00 4.23
C LYS A 114 -10.65 0.86 5.33
N TYR A 115 -10.58 -0.23 6.08
CA TYR A 115 -11.59 -0.52 7.10
C TYR A 115 -11.25 0.05 8.47
N GLY A 116 -10.05 0.60 8.62
CA GLY A 116 -9.58 1.14 9.88
C GLY A 116 -9.46 2.64 10.04
N VAL A 117 -9.29 3.38 8.94
CA VAL A 117 -8.88 4.77 9.10
C VAL A 117 -9.99 5.57 9.74
N HIS A 118 -11.26 5.32 9.41
CA HIS A 118 -12.29 6.15 10.02
C HIS A 118 -12.41 5.93 11.53
N GLU A 119 -12.21 4.70 11.98
CA GLU A 119 -12.21 4.40 13.39
C GLU A 119 -11.09 5.15 14.07
N ALA A 120 -9.94 5.14 13.43
CA ALA A 120 -8.79 5.83 14.00
C ALA A 120 -9.01 7.37 13.99
N ILE A 121 -9.51 7.87 12.87
CA ILE A 121 -9.84 9.31 12.79
C ILE A 121 -10.77 9.76 13.92
N PHE A 122 -11.87 9.06 14.16
CA PHE A 122 -12.77 9.53 15.20
C PHE A 122 -12.24 9.40 16.60
N ALA A 123 -11.33 8.45 16.82
CA ALA A 123 -10.64 8.35 18.10
C ALA A 123 -9.70 9.53 18.33
N MET A 124 -8.92 9.87 17.30
CA MET A 124 -7.95 10.94 17.39
C MET A 124 -8.62 12.31 17.40
N LEU A 125 -9.74 12.40 16.70
CA LEU A 125 -10.57 13.60 16.75
C LEU A 125 -10.87 14.10 18.15
N ALA A 126 -11.07 13.17 19.07
CA ALA A 126 -11.38 13.53 20.46
C ALA A 126 -10.31 14.41 21.05
N SER A 127 -9.09 14.25 20.60
CA SER A 127 -7.99 15.04 21.11
C SER A 127 -8.17 16.57 20.89
N ILE A 128 -8.92 16.94 19.85
CA ILE A 128 -9.08 18.37 19.52
C ILE A 128 -10.49 18.87 19.85
N VAL A 129 -11.24 18.07 20.62
CA VAL A 129 -12.65 18.33 20.91
C VAL A 129 -12.85 18.58 22.38
N ASN A 130 -13.65 19.60 22.72
CA ASN A 130 -14.25 19.64 24.05
C ASN A 130 -15.76 19.79 23.91
N LYS A 131 -16.48 19.96 25.03
CA LYS A 131 -17.93 19.87 25.00
C LYS A 131 -18.52 21.06 24.21
N ASP A 132 -17.71 22.09 24.00
CA ASP A 132 -18.16 23.33 23.35
C ASP A 132 -17.77 23.47 21.88
N GLY A 133 -16.85 22.66 21.39
CA GLY A 133 -16.44 22.78 20.00
C GLY A 133 -15.17 22.04 19.69
N LEU A 134 -14.56 22.38 18.57
CA LEU A 134 -13.32 21.74 18.21
C LEU A 134 -12.36 22.60 17.43
N LEU A 135 -11.07 22.28 17.56
CA LEU A 135 -10.04 23.08 16.91
C LEU A 135 -9.99 22.82 15.42
N VAL A 136 -9.76 23.89 14.64
CA VAL A 136 -9.58 23.77 13.21
C VAL A 136 -8.35 24.58 12.76
N ALA A 137 -7.97 24.45 11.48
CA ALA A 137 -6.85 25.21 10.96
C ALA A 137 -5.60 25.10 11.83
N ASN A 138 -5.19 23.86 12.13
CA ASN A 138 -3.97 23.65 12.90
C ASN A 138 -3.98 24.38 14.24
N GLY A 139 -5.16 24.52 14.82
CA GLY A 139 -5.25 25.11 16.14
C GLY A 139 -5.47 26.62 16.16
N SER A 140 -5.51 27.25 15.00
N SER A 140 -5.52 27.25 14.99
CA SER A 140 -5.67 28.71 14.93
CA SER A 140 -5.67 28.72 14.96
C SER A 140 -7.13 29.13 15.04
C SER A 140 -7.13 29.14 14.95
N GLY A 141 -8.02 28.16 14.88
CA GLY A 141 -9.45 28.40 14.91
C GLY A 141 -10.16 27.40 15.80
N PHE A 142 -11.35 27.78 16.24
CA PHE A 142 -12.19 26.98 17.09
C PHE A 142 -13.59 27.12 16.56
N VAL A 143 -14.19 26.00 16.16
CA VAL A 143 -15.55 26.00 15.66
C VAL A 143 -16.51 25.47 16.72
N THR A 144 -17.55 26.24 17.05
CA THR A 144 -18.45 25.79 18.12
C THR A 144 -19.39 24.68 17.71
N ARG A 145 -19.66 23.79 18.68
CA ARG A 145 -20.58 22.71 18.53
C ARG A 145 -21.96 23.29 18.19
N GLU A 146 -22.33 24.38 18.84
CA GLU A 146 -23.63 25.01 18.53
C GLU A 146 -23.73 25.44 17.06
N PHE A 147 -22.70 26.06 16.51
CA PHE A 147 -22.74 26.40 15.09
C PHE A 147 -22.88 25.14 14.23
N LEU A 148 -22.13 24.08 14.54
CA LEU A 148 -22.23 22.88 13.71
C LEU A 148 -23.63 22.28 13.81
N ARG A 149 -24.29 22.42 14.96
CA ARG A 149 -25.67 21.96 15.13
C ARG A 149 -26.66 22.71 14.25
N SER A 150 -26.31 23.95 13.93
CA SER A 150 -27.19 24.85 13.20
C SER A 150 -27.17 24.60 11.68
N LEU A 151 -26.30 23.71 11.22
CA LEU A 151 -26.19 23.46 9.79
C LEU A 151 -27.38 22.63 9.39
N ARG A 152 -27.70 22.55 8.11
CA ARG A 152 -28.93 21.86 7.78
C ARG A 152 -28.67 20.36 7.78
N LYS A 153 -29.72 19.58 8.00
CA LYS A 153 -29.62 18.15 7.84
C LYS A 153 -29.33 17.98 6.36
N PRO A 154 -28.50 17.00 6.01
CA PRO A 154 -27.87 15.91 6.76
C PRO A 154 -26.50 16.23 7.36
N PHE A 155 -26.08 17.49 7.31
CA PHE A 155 -24.70 17.80 7.69
C PHE A 155 -24.57 18.00 9.20
N SER A 156 -25.59 18.50 9.86
CA SER A 156 -25.51 18.59 11.33
C SER A 156 -25.55 17.19 11.94
N ASP A 157 -26.33 16.31 11.35
CA ASP A 157 -26.51 14.95 11.86
C ASP A 157 -25.25 14.08 11.82
N ILE A 158 -24.41 14.28 10.81
CA ILE A 158 -23.23 13.46 10.66
C ILE A 158 -22.13 13.95 11.60
N ILE A 159 -22.26 15.16 12.12
CA ILE A 159 -21.24 15.72 13.02
C ILE A 159 -21.47 15.44 14.52
N GLU A 160 -22.68 15.64 15.02
CA GLU A 160 -22.96 15.61 16.47
C GLU A 160 -22.62 14.26 17.16
N PRO A 161 -22.86 13.12 16.51
CA PRO A 161 -22.48 11.86 17.21
C PRO A 161 -21.00 11.75 17.54
N LYS A 162 -20.16 12.48 16.79
CA LYS A 162 -18.71 12.38 17.00
C LYS A 162 -18.36 13.11 18.27
N PHE A 163 -19.06 14.22 18.57
CA PHE A 163 -18.88 14.92 19.82
C PHE A 163 -19.28 14.12 21.03
N GLU A 164 -20.40 13.42 20.89
CA GLU A 164 -20.92 12.60 21.97
C GLU A 164 -19.89 11.53 22.34
N PHE A 165 -19.32 10.90 21.32
CA PHE A 165 -18.27 9.90 21.53
C PHE A 165 -17.04 10.54 22.18
N ALA A 166 -16.62 11.68 21.65
CA ALA A 166 -15.38 12.33 22.07
C ALA A 166 -15.40 12.79 23.52
N VAL A 167 -16.54 13.29 23.99
CA VAL A 167 -16.54 13.87 25.34
C VAL A 167 -16.42 12.68 26.33
N LYS A 168 -17.04 11.58 25.98
CA LYS A 168 -16.94 10.37 26.79
C LYS A 168 -15.54 9.77 26.70
N PHE A 169 -14.96 9.70 25.51
CA PHE A 169 -13.63 9.14 25.36
C PHE A 169 -12.61 10.01 26.10
N ASN A 170 -12.75 11.33 26.03
CA ASN A 170 -11.80 12.20 26.75
C ASN A 170 -11.85 12.11 28.28
N ALA A 171 -12.96 11.68 28.85
CA ALA A 171 -13.03 11.48 30.29
C ALA A 171 -12.07 10.36 30.74
N LEU A 172 -11.61 9.51 29.81
CA LEU A 172 -10.63 8.46 30.18
C LEU A 172 -9.21 9.03 30.34
N GLU A 173 -8.99 10.23 29.83
CA GLU A 173 -7.75 10.97 30.04
C GLU A 173 -6.52 10.26 29.49
N LEU A 174 -6.65 9.63 28.34
CA LEU A 174 -5.46 9.11 27.66
C LEU A 174 -4.50 10.21 27.27
N ASP A 175 -3.19 9.93 27.31
CA ASP A 175 -2.24 10.85 26.70
C ASP A 175 -1.77 10.27 25.37
N ASP A 176 -0.84 10.96 24.72
CA ASP A 176 -0.44 10.66 23.33
C ASP A 176 0.24 9.31 23.25
N SER A 177 0.97 8.96 24.31
CA SER A 177 1.67 7.68 24.41
C SER A 177 0.66 6.52 24.48
N ASP A 178 -0.48 6.70 25.16
CA ASP A 178 -1.57 5.71 25.14
C ASP A 178 -2.26 5.65 23.77
N LEU A 179 -2.56 6.83 23.21
CA LEU A 179 -3.23 6.92 21.94
C LEU A 179 -2.47 6.28 20.79
N ALA A 180 -1.16 6.37 20.81
CA ALA A 180 -0.35 5.80 19.75
C ALA A 180 -0.59 4.28 19.69
N LEU A 181 -0.70 3.64 20.85
CA LEU A 181 -0.91 2.18 20.92
C LEU A 181 -2.35 1.86 20.54
N PHE A 182 -3.29 2.68 21.02
CA PHE A 182 -4.71 2.46 20.80
C PHE A 182 -5.00 2.54 19.30
N ILE A 183 -4.47 3.56 18.64
N ILE A 183 -4.47 3.54 18.60
CA ILE A 183 -4.67 3.72 17.21
CA ILE A 183 -4.78 3.64 17.18
C ILE A 183 -4.02 2.56 16.45
C ILE A 183 -3.98 2.59 16.37
N ALA A 184 -2.81 2.16 16.87
CA ALA A 184 -2.10 1.05 16.22
C ALA A 184 -2.97 -0.19 16.29
N ALA A 185 -3.67 -0.39 17.43
CA ALA A 185 -4.55 -1.54 17.64
C ALA A 185 -5.78 -1.51 16.75
N ILE A 186 -6.31 -0.33 16.53
CA ILE A 186 -7.41 -0.17 15.60
C ILE A 186 -7.04 -0.52 14.16
N ILE A 187 -5.88 -0.08 13.70
CA ILE A 187 -5.46 -0.33 12.31
CA ILE A 187 -5.48 -0.34 12.31
C ILE A 187 -5.05 -1.79 12.13
N LEU A 188 -4.26 -2.29 13.05
CA LEU A 188 -3.78 -3.67 12.95
C LEU A 188 -4.82 -4.62 13.48
N CYS A 189 -5.91 -4.80 12.73
CA CYS A 189 -7.08 -5.47 13.26
C CYS A 189 -7.40 -6.66 12.38
N GLY A 190 -7.37 -7.84 12.96
CA GLY A 190 -7.47 -9.06 12.19
C GLY A 190 -8.87 -9.43 11.73
N ASP A 191 -9.86 -8.63 12.10
CA ASP A 191 -11.25 -8.89 11.80
C ASP A 191 -11.73 -8.31 10.48
N ARG A 192 -10.90 -7.48 9.83
CA ARG A 192 -11.33 -6.74 8.64
C ARG A 192 -11.63 -7.69 7.48
N PRO A 193 -12.61 -7.36 6.63
CA PRO A 193 -12.97 -8.26 5.53
C PRO A 193 -11.93 -8.35 4.42
N GLY A 194 -11.66 -9.56 3.93
CA GLY A 194 -10.84 -9.74 2.75
C GLY A 194 -9.35 -9.71 3.02
N LEU A 195 -8.98 -9.73 4.30
CA LEU A 195 -7.58 -9.85 4.65
C LEU A 195 -7.02 -11.15 4.09
N MET A 196 -5.77 -11.11 3.66
CA MET A 196 -5.15 -12.24 3.03
C MET A 196 -4.46 -13.12 4.07
N ASN A 197 -3.70 -12.49 4.95
CA ASN A 197 -2.92 -13.19 5.99
C ASN A 197 -3.49 -12.84 7.38
N VAL A 198 -4.61 -13.46 7.73
CA VAL A 198 -5.29 -13.08 8.94
C VAL A 198 -4.48 -13.45 10.17
N PRO A 199 -3.96 -14.70 10.25
CA PRO A 199 -3.21 -15.05 11.46
C PRO A 199 -2.04 -14.10 11.76
N ARG A 200 -1.40 -13.62 10.71
CA ARG A 200 -0.32 -12.67 10.87
C ARG A 200 -0.84 -11.35 11.50
N VAL A 201 -1.93 -10.81 10.98
CA VAL A 201 -2.50 -9.56 11.51
C VAL A 201 -3.00 -9.82 12.94
N GLU A 202 -3.55 -10.99 13.21
CA GLU A 202 -4.06 -11.29 14.54
C GLU A 202 -2.90 -11.28 15.54
N ALA A 203 -1.79 -11.89 15.12
CA ALA A 203 -0.58 -11.92 15.94
C ALA A 203 -0.05 -10.54 16.28
N ILE A 204 -0.01 -9.65 15.28
CA ILE A 204 0.46 -8.28 15.50
C ILE A 204 -0.51 -7.56 16.43
N GLN A 205 -1.81 -7.69 16.18
CA GLN A 205 -2.79 -7.04 16.99
C GLN A 205 -2.64 -7.43 18.45
N ASP A 206 -2.45 -8.72 18.70
CA ASP A 206 -2.36 -9.17 20.06
C ASP A 206 -1.12 -8.62 20.75
N THR A 207 -0.03 -8.50 20.01
CA THR A 207 1.17 -7.89 20.57
C THR A 207 0.93 -6.46 21.00
N ILE A 208 0.19 -5.74 20.19
CA ILE A 208 -0.09 -4.32 20.45
C ILE A 208 -0.98 -4.21 21.68
N LEU A 209 -2.00 -5.05 21.74
CA LEU A 209 -2.89 -5.07 22.90
C LEU A 209 -2.18 -5.47 24.18
N ARG A 210 -1.26 -6.45 24.16
CA ARG A 210 -0.48 -6.72 25.36
C ARG A 210 0.43 -5.57 25.77
N ALA A 211 0.95 -4.86 24.77
CA ALA A 211 1.82 -3.74 25.00
C ALA A 211 1.03 -2.58 25.63
N LEU A 212 -0.18 -2.39 25.13
CA LEU A 212 -1.08 -1.38 25.62
C LEU A 212 -1.52 -1.67 27.03
N GLU A 213 -1.88 -2.92 27.33
CA GLU A 213 -2.19 -3.32 28.68
C GLU A 213 -1.07 -2.99 29.68
N PHE A 214 0.18 -3.36 29.36
CA PHE A 214 1.28 -3.05 30.28
C PHE A 214 1.54 -1.54 30.36
N HIS A 215 1.38 -0.85 29.23
CA HIS A 215 1.62 0.59 29.20
C HIS A 215 0.68 1.34 30.15
N LEU A 216 -0.60 0.97 30.17
CA LEU A 216 -1.57 1.57 31.08
C LEU A 216 -1.35 1.20 32.54
N GLN A 217 -0.71 0.07 32.81
CA GLN A 217 -0.39 -0.26 34.19
C GLN A 217 0.65 0.71 34.73
N ALA A 218 1.59 1.06 33.88
CA ALA A 218 2.69 1.93 34.27
C ALA A 218 2.24 3.38 34.27
N ASN A 219 1.55 3.77 33.20
CA ASN A 219 1.22 5.16 32.94
C ASN A 219 -0.01 5.63 33.74
N HIS A 220 -0.98 4.74 33.96
CA HIS A 220 -2.19 5.05 34.74
C HIS A 220 -2.37 4.02 35.87
N PRO A 221 -1.46 4.03 36.85
CA PRO A 221 -1.45 2.97 37.86
C PRO A 221 -2.72 2.93 38.75
N ASP A 222 -3.41 4.05 38.89
CA ASP A 222 -4.57 4.16 39.77
C ASP A 222 -5.91 4.08 39.03
N ALA A 223 -5.85 3.96 37.70
CA ALA A 223 -7.08 3.88 36.93
C ALA A 223 -7.52 2.45 36.85
N GLN A 224 -8.72 2.16 37.34
CA GLN A 224 -9.22 0.80 37.30
C GLN A 224 -10.09 0.55 36.07
N TYR A 225 -9.96 -0.67 35.56
CA TYR A 225 -10.77 -1.13 34.46
C TYR A 225 -10.48 -0.37 33.17
N LEU A 226 -9.36 0.36 33.09
CA LEU A 226 -9.10 1.21 31.94
C LEU A 226 -8.86 0.36 30.69
N PHE A 227 -8.22 -0.81 30.81
CA PHE A 227 -7.97 -1.57 29.59
C PHE A 227 -9.29 -2.11 29.04
N PRO A 228 -10.07 -2.84 29.84
CA PRO A 228 -11.35 -3.25 29.28
C PRO A 228 -12.23 -2.06 28.84
N LYS A 229 -12.17 -0.95 29.55
CA LYS A 229 -12.88 0.24 29.05
C LYS A 229 -12.48 0.59 27.64
N LEU A 230 -11.18 0.59 27.34
CA LEU A 230 -10.71 0.89 25.98
C LEU A 230 -11.08 -0.16 24.94
N LEU A 231 -11.09 -1.45 25.31
CA LEU A 231 -11.56 -2.46 24.37
C LEU A 231 -12.99 -2.18 23.95
N GLN A 232 -13.83 -1.78 24.90
CA GLN A 232 -15.20 -1.44 24.59
C GLN A 232 -15.28 -0.19 23.72
N LYS A 233 -14.33 0.72 23.90
CA LYS A 233 -14.33 1.93 23.03
C LYS A 233 -14.02 1.54 21.59
N MET A 234 -13.22 0.49 21.43
CA MET A 234 -12.90 -0.01 20.10
C MET A 234 -14.17 -0.56 19.46
N ALA A 235 -14.98 -1.27 20.25
CA ALA A 235 -16.27 -1.77 19.77
C ALA A 235 -17.23 -0.64 19.44
N ASP A 236 -17.24 0.38 20.31
CA ASP A 236 -18.05 1.58 20.10
C ASP A 236 -17.70 2.33 18.82
N LEU A 237 -16.41 2.44 18.52
CA LEU A 237 -15.94 3.10 17.29
C LEU A 237 -16.41 2.38 16.06
N ARG A 238 -16.50 1.05 16.14
CA ARG A 238 -16.96 0.26 15.02
C ARG A 238 -18.41 0.64 14.73
N GLN A 239 -19.20 0.84 15.76
CA GLN A 239 -20.59 1.14 15.56
C GLN A 239 -20.73 2.61 15.06
N LEU A 240 -19.84 3.47 15.50
CA LEU A 240 -19.87 4.89 15.11
C LEU A 240 -19.59 5.02 13.64
N VAL A 241 -18.74 4.14 13.14
CA VAL A 241 -18.29 4.21 11.77
C VAL A 241 -19.37 3.56 10.89
N THR A 242 -19.97 2.45 11.35
CA THR A 242 -21.14 1.91 10.64
C THR A 242 -22.21 2.99 10.38
N GLU A 243 -22.59 3.68 11.45
CA GLU A 243 -23.54 4.79 11.35
C GLU A 243 -23.05 5.92 10.46
N HIS A 244 -21.77 6.27 10.55
CA HIS A 244 -21.18 7.27 9.68
C HIS A 244 -21.32 6.89 8.21
N ALA A 245 -21.01 5.64 7.88
CA ALA A 245 -21.03 5.17 6.52
C ALA A 245 -22.46 5.20 5.97
N GLN A 246 -23.43 4.97 6.84
CA GLN A 246 -24.85 4.91 6.43
C GLN A 246 -25.30 6.35 6.16
N MET A 247 -24.87 7.27 6.99
CA MET A 247 -25.17 8.69 6.77
C MET A 247 -24.52 9.20 5.49
N MET A 248 -23.33 8.70 5.16
CA MET A 248 -22.66 9.07 3.92
C MET A 248 -23.40 8.52 2.74
N GLN A 249 -23.99 7.32 2.84
CA GLN A 249 -24.75 6.81 1.73
C GLN A 249 -25.97 7.69 1.48
N ARG A 250 -26.56 8.24 2.52
CA ARG A 250 -27.74 9.10 2.34
C ARG A 250 -27.33 10.44 1.77
N ILE A 251 -26.14 10.92 2.11
CA ILE A 251 -25.66 12.17 1.53
C ILE A 251 -25.39 11.98 0.05
N LYS A 252 -24.83 10.84 -0.32
CA LYS A 252 -24.64 10.50 -1.73
C LYS A 252 -25.97 10.38 -2.50
N LYS A 253 -27.00 9.88 -1.84
CA LYS A 253 -28.29 9.68 -2.49
C LYS A 253 -29.07 10.98 -2.61
N THR A 254 -29.11 11.74 -1.52
CA THR A 254 -30.00 12.92 -1.44
C THR A 254 -29.35 14.28 -1.72
N GLU A 255 -28.03 14.39 -1.59
CA GLU A 255 -27.31 15.67 -1.83
C GLU A 255 -26.41 15.55 -3.06
N THR A 256 -27.04 15.44 -4.21
CA THR A 256 -26.33 15.07 -5.44
C THR A 256 -25.37 16.17 -5.93
N GLU A 257 -25.57 17.41 -5.49
CA GLU A 257 -24.69 18.51 -5.84
C GLU A 257 -23.45 18.59 -4.95
N THR A 258 -23.38 17.74 -3.93
CA THR A 258 -22.24 17.75 -3.03
C THR A 258 -21.18 16.84 -3.59
N SER A 259 -20.00 17.38 -3.83
N SER A 259 -19.97 17.37 -3.73
CA SER A 259 -18.89 16.55 -4.28
CA SER A 259 -18.82 16.63 -4.30
C SER A 259 -18.43 15.65 -3.17
C SER A 259 -18.10 15.75 -3.28
N LEU A 260 -18.06 14.44 -3.56
CA LEU A 260 -17.46 13.48 -2.64
C LEU A 260 -16.09 13.08 -3.14
N HIS A 261 -15.10 13.23 -2.27
CA HIS A 261 -13.71 13.01 -2.65
C HIS A 261 -13.49 11.55 -3.06
N PRO A 262 -12.80 11.32 -4.19
CA PRO A 262 -12.76 9.94 -4.72
C PRO A 262 -12.09 8.91 -3.81
N LEU A 263 -11.17 9.35 -2.95
CA LEU A 263 -10.48 8.44 -2.04
C LEU A 263 -11.45 7.95 -1.02
N LEU A 264 -12.30 8.83 -0.52
CA LEU A 264 -13.26 8.41 0.47
C LEU A 264 -14.33 7.53 -0.21
N GLN A 265 -14.66 7.80 -1.47
CA GLN A 265 -15.58 6.93 -2.23
C GLN A 265 -15.05 5.50 -2.28
N GLU A 266 -13.74 5.39 -2.52
CA GLU A 266 -13.07 4.08 -2.56
C GLU A 266 -13.18 3.36 -1.21
N ILE A 267 -13.10 4.09 -0.10
CA ILE A 267 -13.31 3.50 1.23
C ILE A 267 -14.74 2.97 1.41
N TYR A 268 -15.72 3.76 1.02
CA TYR A 268 -17.13 3.36 1.18
C TYR A 268 -17.61 2.35 0.15
N LYS A 269 -16.84 2.17 -0.92
CA LYS A 269 -17.22 1.35 -2.09
C LYS A 269 -17.98 0.06 -1.72
N ASP A 270 -17.46 -0.69 -0.75
CA ASP A 270 -18.17 -1.89 -0.28
C ASP A 270 -17.94 -2.13 1.21
N MET A 271 -18.58 -1.32 2.05
CA MET A 271 -18.56 -1.51 3.49
C MET A 271 -19.83 -2.22 3.94
N ASP B 5 17.84 16.88 -13.97
CA ASP B 5 16.46 16.55 -14.38
C ASP B 5 16.43 15.09 -14.82
N LEU B 6 16.44 14.80 -16.13
CA LEU B 6 16.27 13.41 -16.57
C LEU B 6 17.49 12.54 -16.29
N LYS B 7 18.69 13.05 -16.53
CA LYS B 7 19.90 12.29 -16.22
C LYS B 7 19.90 11.89 -14.74
N ALA B 8 19.60 12.85 -13.86
CA ALA B 8 19.54 12.57 -12.42
C ALA B 8 18.41 11.60 -12.07
N PHE B 9 17.28 11.77 -12.75
CA PHE B 9 16.15 10.86 -12.63
C PHE B 9 16.57 9.43 -12.97
N SER B 10 17.19 9.26 -14.14
CA SER B 10 17.53 7.93 -14.61
C SER B 10 18.49 7.22 -13.67
N LYS B 11 19.45 7.97 -13.14
CA LYS B 11 20.47 7.42 -12.24
C LYS B 11 19.87 6.99 -10.90
N HIS B 12 18.88 7.76 -10.45
CA HIS B 12 18.16 7.46 -9.22
C HIS B 12 17.40 6.15 -9.37
N ILE B 13 16.74 5.97 -10.51
CA ILE B 13 16.05 4.72 -10.84
C ILE B 13 17.03 3.56 -11.01
N TYR B 14 18.17 3.80 -11.65
CA TYR B 14 19.18 2.77 -11.77
C TYR B 14 19.69 2.33 -10.38
N ASN B 15 19.92 3.25 -9.46
CA ASN B 15 20.42 2.87 -8.12
C ASN B 15 19.39 2.08 -7.32
N ALA B 16 18.12 2.48 -7.42
CA ALA B 16 17.01 1.77 -6.79
C ALA B 16 16.88 0.34 -7.31
N TYR B 17 17.11 0.18 -8.60
CA TYR B 17 17.09 -1.13 -9.21
C TYR B 17 18.23 -2.03 -8.69
N LEU B 18 19.46 -1.50 -8.69
CA LEU B 18 20.62 -2.26 -8.18
C LEU B 18 20.47 -2.58 -6.71
N LYS B 19 19.81 -1.69 -5.99
CA LYS B 19 19.62 -1.87 -4.56
C LYS B 19 18.59 -2.97 -4.24
N ASN B 20 17.60 -3.15 -5.10
CA ASN B 20 16.47 -4.00 -4.78
C ASN B 20 16.45 -5.34 -5.48
N PHE B 21 17.20 -5.45 -6.58
CA PHE B 21 17.36 -6.72 -7.26
C PHE B 21 18.78 -7.29 -7.10
N ASN B 22 18.85 -8.46 -6.50
CA ASN B 22 20.14 -9.11 -6.24
C ASN B 22 20.82 -9.55 -7.55
N MET B 23 20.10 -10.32 -8.37
CA MET B 23 20.64 -10.75 -9.65
C MET B 23 20.40 -9.69 -10.72
N THR B 24 21.49 -9.09 -11.19
CA THR B 24 21.44 -8.13 -12.29
C THR B 24 21.70 -8.86 -13.59
N LYS B 25 21.45 -8.22 -14.72
CA LYS B 25 21.74 -8.86 -15.99
C LYS B 25 23.23 -9.00 -16.16
N LYS B 26 23.95 -7.99 -15.71
CA LYS B 26 25.41 -8.06 -15.70
C LYS B 26 25.90 -9.33 -14.96
N LYS B 27 25.39 -9.56 -13.77
CA LYS B 27 25.83 -10.75 -13.03
C LYS B 27 25.39 -12.02 -13.74
N ALA B 28 24.16 -12.01 -14.27
CA ALA B 28 23.59 -13.19 -14.89
C ALA B 28 24.33 -13.55 -16.16
N ARG B 29 24.72 -12.54 -16.93
CA ARG B 29 25.43 -12.79 -18.19
C ARG B 29 26.84 -13.32 -17.96
N SER B 30 27.49 -12.88 -16.88
CA SER B 30 28.83 -13.34 -16.60
C SER B 30 28.81 -14.82 -16.17
N ILE B 31 27.70 -15.27 -15.57
CA ILE B 31 27.55 -16.68 -15.21
C ILE B 31 27.21 -17.53 -16.42
N LEU B 32 26.27 -17.07 -17.23
CA LEU B 32 25.84 -17.83 -18.40
C LEU B 32 26.91 -17.84 -19.48
N THR B 33 28.00 -17.09 -19.25
CA THR B 33 29.15 -17.09 -20.13
C THR B 33 30.48 -17.25 -19.38
N ALA B 40 30.88 -23.04 -12.55
CA ALA B 40 29.72 -23.07 -13.43
C ALA B 40 28.49 -23.49 -12.67
N PRO B 41 27.29 -23.11 -13.16
CA PRO B 41 26.07 -23.53 -12.48
C PRO B 41 25.85 -25.03 -12.64
N PHE B 42 25.23 -25.63 -11.65
CA PHE B 42 24.86 -27.05 -11.70
C PHE B 42 23.71 -27.20 -12.66
N VAL B 43 23.79 -28.13 -13.60
CA VAL B 43 22.73 -28.24 -14.62
C VAL B 43 21.64 -29.22 -14.21
N ILE B 44 20.42 -28.71 -14.23
CA ILE B 44 19.23 -29.46 -13.90
C ILE B 44 18.50 -29.79 -15.18
N HIS B 45 18.43 -31.07 -15.52
CA HIS B 45 17.82 -31.42 -16.79
C HIS B 45 16.98 -32.67 -16.74
N ASP B 46 16.83 -33.25 -15.55
CA ASP B 46 15.98 -34.41 -15.35
C ASP B 46 15.62 -34.59 -13.87
N ILE B 47 14.98 -35.72 -13.55
CA ILE B 47 14.53 -35.93 -12.17
C ILE B 47 15.71 -36.10 -11.22
N GLU B 48 16.73 -36.83 -11.63
CA GLU B 48 17.84 -37.09 -10.74
C GLU B 48 18.68 -35.86 -10.49
N THR B 49 18.91 -35.04 -11.52
CA THR B 49 19.67 -33.83 -11.31
C THR B 49 18.83 -32.85 -10.50
N LEU B 50 17.51 -32.83 -10.72
CA LEU B 50 16.70 -32.04 -9.83
C LEU B 50 16.84 -32.45 -8.37
N TRP B 51 16.78 -33.74 -8.12
CA TRP B 51 16.88 -34.23 -6.76
C TRP B 51 18.20 -33.81 -6.14
N GLN B 52 19.29 -34.03 -6.87
CA GLN B 52 20.62 -33.58 -6.42
C GLN B 52 20.69 -32.06 -6.15
N ALA B 53 19.91 -31.27 -6.89
CA ALA B 53 19.97 -29.83 -6.78
C ALA B 53 19.26 -29.39 -5.52
N GLU B 54 18.16 -30.05 -5.20
CA GLU B 54 17.42 -29.78 -3.97
C GLU B 54 18.30 -30.11 -2.77
N LYS B 55 19.21 -31.05 -2.95
CA LYS B 55 20.07 -31.46 -1.85
C LYS B 55 21.31 -30.60 -1.77
N GLY B 56 21.90 -30.28 -2.92
CA GLY B 56 23.21 -29.69 -2.98
C GLY B 56 23.30 -28.20 -3.24
N LEU B 57 22.20 -27.57 -3.63
CA LEU B 57 22.19 -26.12 -3.91
C LEU B 57 21.53 -25.32 -2.77
N VAL B 58 21.89 -24.05 -2.67
CA VAL B 58 21.35 -23.13 -1.66
C VAL B 58 20.15 -22.40 -2.24
N TRP B 59 18.96 -22.66 -1.69
CA TRP B 59 17.73 -22.05 -2.18
C TRP B 59 17.17 -20.99 -1.22
N LYS B 60 16.65 -19.88 -1.79
CA LYS B 60 15.97 -18.83 -1.01
C LYS B 60 14.85 -19.45 -0.18
N GLN B 61 13.94 -20.13 -0.88
CA GLN B 61 12.84 -20.83 -0.25
C GLN B 61 13.25 -22.26 0.05
N LEU B 62 13.21 -22.64 1.32
CA LEU B 62 13.60 -23.99 1.75
C LEU B 62 12.55 -25.00 1.32
N VAL B 63 12.99 -26.17 0.86
CA VAL B 63 12.08 -27.17 0.27
C VAL B 63 11.02 -27.65 1.26
N ASN B 64 11.36 -27.70 2.55
CA ASN B 64 10.40 -28.10 3.56
C ASN B 64 9.22 -27.13 3.59
N GLY B 65 9.45 -25.91 3.10
CA GLY B 65 8.45 -24.85 3.09
C GLY B 65 7.68 -24.66 1.79
N LEU B 66 7.81 -25.61 0.87
CA LEU B 66 6.84 -25.75 -0.22
C LEU B 66 5.91 -26.90 0.20
N PRO B 67 4.84 -27.13 -0.56
CA PRO B 67 4.00 -28.31 -0.29
C PRO B 67 4.65 -29.66 -0.64
N PRO B 68 4.13 -30.77 -0.10
CA PRO B 68 4.79 -32.07 -0.21
C PRO B 68 4.89 -32.60 -1.64
N TYR B 69 6.01 -33.23 -1.99
CA TYR B 69 6.26 -33.60 -3.38
C TYR B 69 5.33 -34.68 -3.83
N LYS B 70 4.50 -34.38 -4.84
CA LYS B 70 3.66 -35.39 -5.50
C LYS B 70 4.31 -35.76 -6.81
N GLU B 71 4.53 -34.75 -7.63
CA GLU B 71 5.12 -34.98 -8.93
C GLU B 71 6.03 -33.86 -9.35
N ILE B 72 6.94 -34.18 -10.26
CA ILE B 72 7.97 -33.24 -10.71
C ILE B 72 7.34 -31.97 -11.27
N SER B 73 6.25 -32.12 -12.03
CA SER B 73 5.67 -30.98 -12.74
C SER B 73 5.08 -29.95 -11.78
N VAL B 74 4.44 -30.43 -10.71
CA VAL B 74 3.84 -29.56 -9.70
C VAL B 74 4.94 -29.00 -8.78
N HIS B 75 5.90 -29.83 -8.38
CA HIS B 75 7.07 -29.31 -7.68
C HIS B 75 7.75 -28.12 -8.40
N VAL B 76 7.99 -28.25 -9.70
CA VAL B 76 8.60 -27.18 -10.48
C VAL B 76 7.68 -25.94 -10.49
N PHE B 77 6.40 -26.15 -10.74
CA PHE B 77 5.43 -25.08 -10.64
C PHE B 77 5.57 -24.35 -9.28
N TYR B 78 5.67 -25.08 -8.18
CA TYR B 78 5.82 -24.43 -6.86
C TYR B 78 7.11 -23.64 -6.74
N ARG B 79 8.22 -24.15 -7.26
CA ARG B 79 9.44 -23.35 -7.35
C ARG B 79 9.26 -22.05 -8.18
N CYS B 80 8.57 -22.14 -9.31
CA CYS B 80 8.27 -20.95 -10.14
C CYS B 80 7.42 -19.94 -9.35
N GLN B 81 6.43 -20.46 -8.62
CA GLN B 81 5.51 -19.66 -7.82
C GLN B 81 6.23 -18.96 -6.68
N CME B 82 7.14 -19.67 -6.03
CA CME B 82 7.93 -19.09 -5.00
CB CME B 82 8.79 -20.13 -4.34
SG CME B 82 7.80 -21.07 -3.20
SD CME B 82 5.91 -20.38 -2.79
CE CME B 82 5.94 -18.81 -1.98
CZ CME B 82 7.15 -18.64 -1.08
OH CME B 82 7.39 -17.27 -0.92
C CME B 82 8.78 -17.94 -5.51
O CME B 82 8.81 -16.87 -4.88
HA CME B 82 7.31 -18.73 -4.31
HB2 CME B 82 9.52 -19.70 -3.87
HB3 CME B 82 9.16 -20.73 -5.03
HE2 CME B 82 5.13 -18.72 -1.44
HE3 CME B 82 5.94 -18.10 -2.65
HZ2 CME B 82 7.92 -19.07 -1.50
HZ3 CME B 82 6.97 -19.05 -0.21
HH CME B 82 7.98 -17.15 -0.25
N THR B 83 9.45 -18.12 -6.65
CA THR B 83 10.29 -17.08 -7.22
C THR B 83 9.46 -15.87 -7.67
N THR B 84 8.28 -16.13 -8.22
CA THR B 84 7.35 -15.06 -8.62
C THR B 84 6.99 -14.15 -7.43
N VAL B 85 6.60 -14.77 -6.32
CA VAL B 85 6.16 -14.02 -5.15
C VAL B 85 7.33 -13.25 -4.57
N GLU B 86 8.51 -13.86 -4.52
CA GLU B 86 9.71 -13.14 -4.06
C GLU B 86 10.05 -11.94 -4.98
N THR B 87 9.83 -12.07 -6.28
CA THR B 87 10.10 -10.96 -7.18
C THR B 87 9.08 -9.82 -7.04
N VAL B 88 7.80 -10.16 -6.80
CA VAL B 88 6.79 -9.15 -6.47
C VAL B 88 7.23 -8.35 -5.25
N ARG B 89 7.89 -9.01 -4.29
CA ARG B 89 8.41 -8.28 -3.12
C ARG B 89 9.50 -7.26 -3.49
N GLU B 90 10.40 -7.64 -4.39
CA GLU B 90 11.46 -6.76 -4.82
C GLU B 90 10.90 -5.58 -5.61
N LEU B 91 9.91 -5.88 -6.46
CA LEU B 91 9.27 -4.86 -7.27
C LEU B 91 8.53 -3.85 -6.42
N THR B 92 7.92 -4.30 -5.31
CA THR B 92 7.22 -3.38 -4.44
C THR B 92 8.24 -2.40 -3.85
N GLU B 93 9.39 -2.91 -3.44
CA GLU B 93 10.37 -2.03 -2.83
C GLU B 93 11.05 -1.13 -3.88
N PHE B 94 11.27 -1.67 -5.08
CA PHE B 94 11.80 -0.87 -6.17
C PHE B 94 10.84 0.28 -6.50
N ALA B 95 9.55 -0.03 -6.59
CA ALA B 95 8.56 0.96 -6.97
C ALA B 95 8.54 2.10 -5.95
N LYS B 96 8.54 1.72 -4.69
CA LYS B 96 8.51 2.68 -3.60
C LYS B 96 9.75 3.54 -3.64
N SER B 97 10.82 3.01 -4.22
CA SER B 97 12.09 3.72 -4.30
C SER B 97 12.05 4.76 -5.40
N ILE B 98 10.88 4.90 -6.04
CA ILE B 98 10.63 5.99 -6.96
C ILE B 98 9.78 7.03 -6.23
N PRO B 99 10.35 8.20 -5.88
CA PRO B 99 9.64 9.18 -5.06
C PRO B 99 8.20 9.49 -5.53
N SER B 100 8.02 9.71 -6.84
CA SER B 100 6.69 9.96 -7.39
C SER B 100 5.68 8.84 -7.10
N PHE B 101 6.15 7.60 -7.10
CA PHE B 101 5.28 6.45 -6.85
C PHE B 101 4.77 6.45 -5.42
N SER B 102 5.67 6.61 -4.46
CA SER B 102 5.31 6.59 -3.05
C SER B 102 4.38 7.74 -2.66
N SER B 103 4.24 8.74 -3.52
CA SER B 103 3.36 9.87 -3.23
C SER B 103 1.92 9.64 -3.72
N LEU B 104 1.70 8.59 -4.50
CA LEU B 104 0.34 8.13 -4.81
C LEU B 104 -0.30 7.56 -3.55
N PHE B 105 -1.63 7.55 -3.49
CA PHE B 105 -2.29 6.95 -2.37
C PHE B 105 -2.03 5.44 -2.46
N LEU B 106 -2.04 4.79 -1.31
CA LEU B 106 -1.62 3.41 -1.25
C LEU B 106 -2.48 2.53 -2.15
N ASN B 107 -3.75 2.87 -2.30
CA ASN B 107 -4.61 2.07 -3.16
C ASN B 107 -4.18 2.09 -4.63
N ASP B 108 -3.76 3.23 -5.15
CA ASP B 108 -3.24 3.29 -6.50
C ASP B 108 -1.90 2.58 -6.60
N GLN B 109 -1.09 2.65 -5.57
CA GLN B 109 0.15 1.87 -5.58
C GLN B 109 -0.13 0.36 -5.78
N VAL B 110 -1.12 -0.16 -5.04
N VAL B 110 -1.11 -0.21 -5.06
CA VAL B 110 -1.49 -1.58 -5.12
CA VAL B 110 -1.35 -1.63 -5.21
C VAL B 110 -2.05 -1.91 -6.51
C VAL B 110 -2.06 -1.95 -6.53
N THR B 111 -2.86 -1.01 -7.03
CA THR B 111 -3.45 -1.20 -8.35
C THR B 111 -2.34 -1.27 -9.40
N LEU B 112 -1.34 -0.40 -9.31
CA LEU B 112 -0.27 -0.44 -10.31
C LEU B 112 0.53 -1.71 -10.21
N LEU B 113 0.81 -2.15 -8.98
CA LEU B 113 1.58 -3.37 -8.80
C LEU B 113 0.78 -4.56 -9.26
N LYS B 114 -0.49 -4.61 -8.87
CA LYS B 114 -1.35 -5.73 -9.28
C LYS B 114 -1.33 -6.00 -10.79
N TYR B 115 -1.47 -4.98 -11.62
CA TYR B 115 -1.58 -5.19 -13.05
C TYR B 115 -0.23 -5.07 -13.74
N GLY B 116 0.78 -4.67 -12.99
CA GLY B 116 2.10 -4.42 -13.54
C GLY B 116 3.17 -5.47 -13.22
N VAL B 117 3.07 -6.19 -12.10
CA VAL B 117 4.22 -7.01 -11.70
C VAL B 117 4.49 -8.16 -12.65
N HIS B 118 3.47 -8.80 -13.17
CA HIS B 118 3.81 -9.89 -14.08
C HIS B 118 4.49 -9.43 -15.34
N GLU B 119 4.05 -8.30 -15.91
CA GLU B 119 4.73 -7.71 -17.04
C GLU B 119 6.20 -7.43 -16.72
N ALA B 120 6.43 -6.85 -15.56
CA ALA B 120 7.79 -6.58 -15.09
C ALA B 120 8.61 -7.85 -14.90
N ILE B 121 8.01 -8.84 -14.24
CA ILE B 121 8.69 -10.12 -14.00
C ILE B 121 9.15 -10.76 -15.31
N PHE B 122 8.26 -10.80 -16.30
CA PHE B 122 8.57 -11.46 -17.55
C PHE B 122 9.56 -10.70 -18.36
N ALA B 123 9.64 -9.40 -18.16
CA ALA B 123 10.70 -8.62 -18.78
C ALA B 123 12.06 -8.89 -18.15
N MET B 124 12.11 -8.96 -16.80
CA MET B 124 13.36 -9.15 -16.06
C MET B 124 13.84 -10.61 -16.20
N LEU B 125 12.90 -11.49 -16.51
CA LEU B 125 13.22 -12.88 -16.72
C LEU B 125 14.28 -13.09 -17.81
N ALA B 126 14.22 -12.27 -18.85
CA ALA B 126 15.11 -12.37 -20.00
C ALA B 126 16.56 -12.26 -19.56
N SER B 127 16.78 -11.55 -18.46
CA SER B 127 18.14 -11.35 -17.94
C SER B 127 18.82 -12.66 -17.51
N ILE B 128 18.04 -13.62 -17.06
CA ILE B 128 18.60 -14.89 -16.58
C ILE B 128 18.34 -16.05 -17.55
N VAL B 129 17.97 -15.72 -18.79
CA VAL B 129 17.59 -16.71 -19.77
C VAL B 129 18.50 -16.68 -20.98
N ASN B 130 18.78 -17.87 -21.52
CA ASN B 130 19.26 -17.95 -22.90
C ASN B 130 18.44 -19.01 -23.61
N LYS B 131 18.78 -19.31 -24.86
CA LYS B 131 17.98 -20.19 -25.67
C LYS B 131 17.96 -21.61 -25.11
N ASP B 132 18.93 -21.95 -24.25
CA ASP B 132 19.06 -23.32 -23.74
C ASP B 132 18.43 -23.54 -22.35
N GLY B 133 18.15 -22.47 -21.62
CA GLY B 133 17.60 -22.61 -20.27
C GLY B 133 17.70 -21.35 -19.43
N LEU B 134 17.54 -21.50 -18.10
CA LEU B 134 17.64 -20.35 -17.21
C LEU B 134 18.30 -20.63 -15.90
N LEU B 135 18.81 -19.56 -15.32
CA LEU B 135 19.45 -19.63 -14.01
C LEU B 135 18.42 -19.73 -12.90
N VAL B 136 18.75 -20.56 -11.93
CA VAL B 136 17.96 -20.68 -10.71
C VAL B 136 18.86 -20.68 -9.46
N ALA B 137 18.22 -20.61 -8.29
CA ALA B 137 18.96 -20.60 -7.02
C ALA B 137 20.10 -19.57 -7.05
N ASN B 138 19.75 -18.31 -7.24
CA ASN B 138 20.71 -17.21 -7.27
C ASN B 138 21.93 -17.53 -8.14
N GLY B 139 21.70 -18.16 -9.27
CA GLY B 139 22.77 -18.42 -10.21
C GLY B 139 23.56 -19.69 -9.93
N SER B 140 23.21 -20.40 -8.88
CA SER B 140 23.86 -21.69 -8.55
C SER B 140 23.51 -22.80 -9.52
N GLY B 141 22.32 -22.71 -10.09
CA GLY B 141 21.80 -23.72 -11.00
C GLY B 141 21.38 -23.18 -12.34
N PHE B 142 21.29 -24.11 -13.29
CA PHE B 142 20.81 -23.84 -14.62
C PHE B 142 19.81 -24.92 -14.99
N VAL B 143 18.57 -24.52 -15.27
CA VAL B 143 17.56 -25.50 -15.69
C VAL B 143 17.38 -25.43 -17.19
N THR B 144 17.44 -26.56 -17.87
CA THR B 144 17.36 -26.57 -19.33
C THR B 144 15.94 -26.39 -19.85
N ARG B 145 15.82 -25.61 -20.92
CA ARG B 145 14.57 -25.38 -21.58
C ARG B 145 13.94 -26.73 -21.99
N GLU B 146 14.76 -27.68 -22.38
CA GLU B 146 14.28 -29.00 -22.79
C GLU B 146 13.63 -29.76 -21.63
N PHE B 147 14.26 -29.75 -20.46
CA PHE B 147 13.62 -30.34 -19.29
C PHE B 147 12.25 -29.67 -19.03
N LEU B 148 12.19 -28.33 -19.05
CA LEU B 148 10.93 -27.66 -18.74
C LEU B 148 9.87 -28.00 -19.77
N ARG B 149 10.30 -28.19 -21.01
CA ARG B 149 9.40 -28.63 -22.08
C ARG B 149 8.84 -30.03 -21.84
N SER B 150 9.52 -30.83 -21.03
CA SER B 150 9.14 -32.22 -20.84
C SER B 150 8.12 -32.37 -19.72
N LEU B 151 7.84 -31.29 -18.99
CA LEU B 151 6.83 -31.32 -17.94
C LEU B 151 5.47 -31.62 -18.56
N ARG B 152 4.57 -32.23 -17.80
CA ARG B 152 3.28 -32.56 -18.37
C ARG B 152 2.45 -31.30 -18.57
N LYS B 153 1.50 -31.37 -19.49
CA LYS B 153 0.58 -30.27 -19.64
C LYS B 153 -0.20 -30.22 -18.36
N PRO B 154 -0.64 -29.02 -17.94
CA PRO B 154 -0.47 -27.73 -18.58
C PRO B 154 0.78 -26.95 -18.15
N PHE B 155 1.68 -27.58 -17.42
CA PHE B 155 2.78 -26.84 -16.82
C PHE B 155 3.85 -26.50 -17.85
N SER B 156 4.02 -27.38 -18.83
CA SER B 156 4.97 -27.10 -19.91
C SER B 156 4.53 -25.85 -20.69
N ASP B 157 3.22 -25.78 -20.94
CA ASP B 157 2.64 -24.73 -21.76
C ASP B 157 2.79 -23.36 -21.13
N ILE B 158 2.81 -23.28 -19.81
CA ILE B 158 2.86 -21.98 -19.16
C ILE B 158 4.29 -21.43 -19.23
N ILE B 159 5.24 -22.29 -19.53
CA ILE B 159 6.65 -21.91 -19.51
C ILE B 159 7.24 -21.49 -20.86
N GLU B 160 6.99 -22.25 -21.92
CA GLU B 160 7.66 -22.01 -23.19
C GLU B 160 7.47 -20.58 -23.75
N PRO B 161 6.24 -20.02 -23.69
CA PRO B 161 6.01 -18.65 -24.23
C PRO B 161 6.92 -17.59 -23.65
N LYS B 162 7.30 -17.72 -22.39
CA LYS B 162 8.23 -16.77 -21.77
C LYS B 162 9.65 -16.87 -22.35
N PHE B 163 10.12 -18.08 -22.66
CA PHE B 163 11.38 -18.23 -23.40
C PHE B 163 11.36 -17.54 -24.75
N GLU B 164 10.26 -17.70 -25.48
CA GLU B 164 10.13 -17.13 -26.81
C GLU B 164 10.26 -15.60 -26.74
N PHE B 165 9.57 -15.01 -25.77
CA PHE B 165 9.60 -13.57 -25.60
C PHE B 165 11.01 -13.15 -25.23
N ALA B 166 11.64 -13.94 -24.37
CA ALA B 166 12.93 -13.58 -23.79
C ALA B 166 14.06 -13.57 -24.78
N VAL B 167 14.11 -14.57 -25.65
CA VAL B 167 15.17 -14.67 -26.64
C VAL B 167 15.08 -13.45 -27.58
N LYS B 168 13.87 -13.07 -27.95
CA LYS B 168 13.70 -11.85 -28.75
C LYS B 168 14.05 -10.58 -27.95
N PHE B 169 13.62 -10.48 -26.71
CA PHE B 169 13.89 -9.29 -25.91
C PHE B 169 15.43 -9.13 -25.75
N ASN B 170 16.14 -10.24 -25.50
CA ASN B 170 17.61 -10.19 -25.34
C ASN B 170 18.37 -9.77 -26.58
N ALA B 171 17.74 -9.94 -27.74
CA ALA B 171 18.36 -9.47 -28.98
C ALA B 171 18.53 -7.94 -29.00
N LEU B 172 17.73 -7.23 -28.22
CA LEU B 172 17.81 -5.77 -28.18
C LEU B 172 19.01 -5.32 -27.36
N GLU B 173 19.58 -6.25 -26.60
CA GLU B 173 20.83 -6.00 -25.89
C GLU B 173 20.77 -4.83 -24.90
N LEU B 174 19.72 -4.77 -24.08
CA LEU B 174 19.66 -3.78 -23.00
C LEU B 174 20.63 -4.12 -21.87
N ASP B 175 21.14 -3.08 -21.19
CA ASP B 175 21.87 -3.34 -19.94
C ASP B 175 20.98 -2.99 -18.75
N ASP B 176 21.46 -3.19 -17.53
CA ASP B 176 20.62 -2.98 -16.35
C ASP B 176 20.12 -1.50 -16.22
N SER B 177 20.94 -0.55 -16.65
CA SER B 177 20.55 0.89 -16.59
C SER B 177 19.33 1.15 -17.47
N ASP B 178 19.24 0.45 -18.61
CA ASP B 178 18.09 0.58 -19.49
C ASP B 178 16.91 -0.11 -18.87
N LEU B 179 17.15 -1.34 -18.39
N LEU B 179 17.16 -1.32 -18.37
CA LEU B 179 16.09 -2.15 -17.82
CA LEU B 179 16.09 -2.14 -17.84
C LEU B 179 15.39 -1.47 -16.66
C LEU B 179 15.39 -1.49 -16.65
N ALA B 180 16.13 -0.76 -15.82
CA ALA B 180 15.54 -0.09 -14.66
C ALA B 180 14.45 0.88 -15.05
N LEU B 181 14.72 1.64 -16.10
CA LEU B 181 13.74 2.64 -16.58
C LEU B 181 12.59 1.91 -17.26
N PHE B 182 12.92 0.86 -17.98
CA PHE B 182 11.90 0.12 -18.71
C PHE B 182 10.91 -0.50 -17.73
N ILE B 183 11.42 -1.08 -16.66
CA ILE B 183 10.54 -1.66 -15.64
C ILE B 183 9.72 -0.58 -14.91
N ALA B 184 10.34 0.55 -14.62
CA ALA B 184 9.60 1.62 -13.98
C ALA B 184 8.43 2.05 -14.85
N ALA B 185 8.65 2.08 -16.16
CA ALA B 185 7.62 2.46 -17.12
C ALA B 185 6.48 1.46 -17.17
N ILE B 186 6.79 0.18 -17.01
CA ILE B 186 5.77 -0.84 -16.94
C ILE B 186 4.88 -0.69 -15.72
N ILE B 187 5.48 -0.40 -14.56
CA ILE B 187 4.72 -0.27 -13.33
CA ILE B 187 4.74 -0.27 -13.32
C ILE B 187 3.89 1.01 -13.34
N LEU B 188 4.51 2.11 -13.77
CA LEU B 188 3.82 3.42 -13.76
C LEU B 188 3.04 3.57 -15.02
N CYS B 189 1.95 2.84 -15.12
CA CYS B 189 1.17 2.81 -16.35
C CYS B 189 -0.26 3.22 -16.09
N GLY B 190 -0.67 4.30 -16.75
CA GLY B 190 -1.94 4.94 -16.48
C GLY B 190 -3.19 4.26 -17.00
N ASP B 191 -3.05 3.10 -17.65
CA ASP B 191 -4.18 2.38 -18.24
C ASP B 191 -4.75 1.28 -17.34
N ARG B 192 -4.20 1.09 -16.15
CA ARG B 192 -4.62 -0.03 -15.32
C ARG B 192 -6.05 0.19 -14.82
N PRO B 193 -6.85 -0.89 -14.75
CA PRO B 193 -8.23 -0.76 -14.29
C PRO B 193 -8.35 -0.28 -12.85
N GLY B 194 -9.27 0.64 -12.59
CA GLY B 194 -9.60 1.04 -11.24
C GLY B 194 -8.68 2.10 -10.67
N LEU B 195 -7.77 2.61 -11.48
CA LEU B 195 -6.87 3.66 -11.03
C LEU B 195 -7.65 4.88 -10.63
N MET B 196 -7.24 5.50 -9.53
CA MET B 196 -7.96 6.65 -9.00
C MET B 196 -7.45 7.93 -9.62
N ASN B 197 -6.13 8.14 -9.56
CA ASN B 197 -5.55 9.37 -10.09
C ASN B 197 -4.82 9.11 -11.41
N VAL B 198 -5.59 9.00 -12.49
CA VAL B 198 -5.02 8.64 -13.78
C VAL B 198 -4.08 9.71 -14.30
N PRO B 199 -4.50 10.99 -14.27
CA PRO B 199 -3.60 12.01 -14.82
C PRO B 199 -2.26 12.05 -14.12
N ARG B 200 -2.25 11.90 -12.80
CA ARG B 200 -0.98 11.87 -12.06
C ARG B 200 -0.09 10.69 -12.47
N VAL B 201 -0.68 9.50 -12.58
CA VAL B 201 0.08 8.33 -13.01
C VAL B 201 0.55 8.50 -14.46
N GLU B 202 -0.29 9.04 -15.34
CA GLU B 202 0.12 9.27 -16.73
C GLU B 202 1.28 10.25 -16.83
N ALA B 203 1.25 11.24 -15.96
CA ALA B 203 2.29 12.24 -15.88
C ALA B 203 3.62 11.64 -15.44
N ILE B 204 3.62 10.76 -14.43
CA ILE B 204 4.85 10.11 -14.01
C ILE B 204 5.38 9.18 -15.10
N GLN B 205 4.49 8.44 -15.72
CA GLN B 205 4.86 7.61 -16.84
C GLN B 205 5.52 8.39 -17.94
N ASP B 206 4.95 9.54 -18.24
CA ASP B 206 5.49 10.34 -19.33
C ASP B 206 6.95 10.72 -19.02
N THR B 207 7.20 11.11 -17.79
N THR B 207 7.21 11.08 -17.77
CA THR B 207 8.55 11.46 -17.38
CA THR B 207 8.57 11.49 -17.37
C THR B 207 9.49 10.27 -17.54
C THR B 207 9.55 10.31 -17.36
N ILE B 208 9.05 9.10 -17.09
CA ILE B 208 9.90 7.93 -17.20
C ILE B 208 10.20 7.63 -18.66
N LEU B 209 9.21 7.70 -19.54
CA LEU B 209 9.47 7.46 -20.95
C LEU B 209 10.40 8.54 -21.61
N ARG B 210 10.24 9.81 -21.25
CA ARG B 210 11.20 10.77 -21.76
C ARG B 210 12.61 10.50 -21.29
N ALA B 211 12.72 10.07 -20.02
CA ALA B 211 14.01 9.72 -19.43
C ALA B 211 14.57 8.49 -20.13
N LEU B 212 13.73 7.52 -20.42
CA LEU B 212 14.16 6.35 -21.15
C LEU B 212 14.65 6.70 -22.53
N GLU B 213 13.95 7.56 -23.28
CA GLU B 213 14.48 7.90 -24.59
C GLU B 213 15.83 8.60 -24.49
N PHE B 214 15.91 9.54 -23.55
CA PHE B 214 17.13 10.29 -23.32
C PHE B 214 18.28 9.30 -22.97
N HIS B 215 18.04 8.47 -21.97
CA HIS B 215 19.05 7.48 -21.59
C HIS B 215 19.55 6.59 -22.76
N LEU B 216 18.65 6.13 -23.62
CA LEU B 216 19.04 5.26 -24.73
C LEU B 216 19.80 6.00 -25.79
N GLN B 217 19.52 7.29 -25.97
CA GLN B 217 20.28 8.07 -26.93
C GLN B 217 21.75 8.01 -26.54
N ALA B 218 22.02 8.19 -25.25
CA ALA B 218 23.37 8.27 -24.75
C ALA B 218 24.00 6.88 -24.65
N ASN B 219 23.23 5.92 -24.16
CA ASN B 219 23.77 4.59 -23.87
C ASN B 219 23.88 3.71 -25.12
N HIS B 220 22.97 3.92 -26.08
CA HIS B 220 22.91 3.13 -27.31
C HIS B 220 22.94 4.02 -28.54
N PRO B 221 24.07 4.69 -28.78
CA PRO B 221 24.15 5.72 -29.80
C PRO B 221 23.88 5.20 -31.21
N ASP B 222 24.22 3.95 -31.47
CA ASP B 222 24.16 3.39 -32.81
C ASP B 222 22.85 2.66 -33.09
N ALA B 223 22.12 2.30 -32.05
CA ALA B 223 20.92 1.48 -32.21
C ALA B 223 19.86 2.24 -33.01
N GLN B 224 19.28 1.57 -34.00
CA GLN B 224 18.21 2.15 -34.79
C GLN B 224 16.88 1.75 -34.19
N TYR B 225 16.06 2.75 -33.89
CA TYR B 225 14.66 2.53 -33.54
C TYR B 225 14.46 1.80 -32.21
N LEU B 226 15.47 1.76 -31.35
CA LEU B 226 15.39 1.03 -30.10
C LEU B 226 14.23 1.53 -29.21
N PHE B 227 14.00 2.85 -29.14
CA PHE B 227 12.94 3.34 -28.27
C PHE B 227 11.54 2.88 -28.72
N PRO B 228 11.17 3.09 -29.98
CA PRO B 228 9.89 2.53 -30.41
C PRO B 228 9.83 0.99 -30.33
N LYS B 229 10.95 0.34 -30.60
CA LYS B 229 11.03 -1.11 -30.42
C LYS B 229 10.58 -1.49 -29.00
N LEU B 230 11.05 -0.76 -27.99
CA LEU B 230 10.70 -1.03 -26.59
C LEU B 230 9.25 -0.70 -26.24
N LEU B 231 8.67 0.34 -26.85
CA LEU B 231 7.24 0.62 -26.64
C LEU B 231 6.39 -0.53 -27.13
N GLN B 232 6.80 -1.11 -28.24
CA GLN B 232 6.15 -2.31 -28.76
C GLN B 232 6.33 -3.54 -27.85
N LYS B 233 7.49 -3.71 -27.22
CA LYS B 233 7.65 -4.82 -26.27
C LYS B 233 6.74 -4.67 -25.06
N MET B 234 6.48 -3.43 -24.62
CA MET B 234 5.56 -3.20 -23.51
C MET B 234 4.18 -3.66 -23.89
N ALA B 235 3.83 -3.45 -25.16
CA ALA B 235 2.51 -3.89 -25.64
C ALA B 235 2.48 -5.42 -25.73
N ASP B 236 3.60 -6.01 -26.16
CA ASP B 236 3.73 -7.46 -26.29
C ASP B 236 3.61 -8.16 -24.92
N LEU B 237 4.19 -7.54 -23.90
CA LEU B 237 4.16 -8.06 -22.53
C LEU B 237 2.76 -8.04 -22.00
N ARG B 238 1.99 -7.01 -22.35
CA ARG B 238 0.60 -6.99 -21.93
C ARG B 238 -0.15 -8.21 -22.51
N GLN B 239 0.12 -8.57 -23.75
CA GLN B 239 -0.49 -9.76 -24.34
C GLN B 239 0.02 -11.04 -23.67
N LEU B 240 1.31 -11.09 -23.39
CA LEU B 240 1.91 -12.25 -22.72
C LEU B 240 1.25 -12.54 -21.37
N VAL B 241 0.97 -11.49 -20.63
CA VAL B 241 0.40 -11.60 -19.31
C VAL B 241 -1.06 -12.02 -19.41
N THR B 242 -1.79 -11.48 -20.37
CA THR B 242 -3.18 -11.89 -20.57
C THR B 242 -3.25 -13.38 -20.82
N GLU B 243 -2.33 -13.88 -21.64
CA GLU B 243 -2.33 -15.28 -22.01
C GLU B 243 -1.93 -16.09 -20.78
N HIS B 244 -1.01 -15.55 -20.00
CA HIS B 244 -0.56 -16.22 -18.80
C HIS B 244 -1.70 -16.34 -17.78
N ALA B 245 -2.43 -15.26 -17.57
CA ALA B 245 -3.56 -15.26 -16.63
C ALA B 245 -4.61 -16.26 -17.04
N GLN B 246 -4.88 -16.35 -18.34
CA GLN B 246 -5.83 -17.34 -18.84
C GLN B 246 -5.38 -18.77 -18.55
N MET B 247 -4.09 -19.07 -18.78
CA MET B 247 -3.55 -20.40 -18.46
C MET B 247 -3.60 -20.72 -16.96
N MET B 248 -3.35 -19.71 -16.14
CA MET B 248 -3.43 -19.85 -14.69
C MET B 248 -4.85 -20.17 -14.21
N GLN B 249 -5.87 -19.50 -14.76
CA GLN B 249 -7.25 -19.88 -14.39
C GLN B 249 -7.57 -21.31 -14.86
N ARG B 250 -6.99 -21.72 -15.97
CA ARG B 250 -7.21 -23.05 -16.46
C ARG B 250 -6.60 -24.06 -15.50
N ILE B 251 -5.48 -23.71 -14.88
CA ILE B 251 -4.82 -24.61 -13.95
C ILE B 251 -5.68 -24.72 -12.69
N LYS B 252 -6.23 -23.59 -12.28
CA LYS B 252 -7.08 -23.52 -11.11
C LYS B 252 -8.31 -24.41 -11.25
N LYS B 253 -8.83 -24.50 -12.47
CA LYS B 253 -10.04 -25.29 -12.70
C LYS B 253 -9.79 -26.81 -12.89
N THR B 254 -8.63 -27.19 -13.43
CA THR B 254 -8.39 -28.58 -13.81
C THR B 254 -7.28 -29.27 -13.01
N GLU B 255 -6.46 -28.49 -12.31
CA GLU B 255 -5.40 -29.04 -11.46
C GLU B 255 -5.72 -28.69 -10.01
N THR B 256 -6.86 -29.17 -9.52
CA THR B 256 -7.40 -28.73 -8.23
C THR B 256 -6.52 -29.08 -7.01
N GLU B 257 -5.72 -30.14 -7.09
CA GLU B 257 -4.84 -30.51 -5.98
C GLU B 257 -3.59 -29.61 -5.87
N THR B 258 -3.37 -28.74 -6.86
CA THR B 258 -2.23 -27.85 -6.87
C THR B 258 -2.52 -26.61 -6.04
N SER B 259 -1.58 -26.23 -5.16
CA SER B 259 -1.76 -25.04 -4.34
C SER B 259 -1.38 -23.79 -5.13
N LEU B 260 -2.31 -22.83 -5.15
CA LEU B 260 -2.04 -21.52 -5.74
C LEU B 260 -1.88 -20.51 -4.61
N HIS B 261 -0.72 -19.86 -4.59
CA HIS B 261 -0.36 -18.89 -3.57
C HIS B 261 -1.41 -17.76 -3.45
N PRO B 262 -1.83 -17.43 -2.21
CA PRO B 262 -2.95 -16.50 -2.07
C PRO B 262 -2.69 -15.12 -2.68
N LEU B 263 -1.45 -14.64 -2.63
CA LEU B 263 -1.13 -13.34 -3.24
C LEU B 263 -1.36 -13.36 -4.74
N LEU B 264 -0.89 -14.41 -5.42
CA LEU B 264 -1.09 -14.53 -6.87
C LEU B 264 -2.58 -14.62 -7.23
N GLN B 265 -3.38 -15.25 -6.38
CA GLN B 265 -4.83 -15.35 -6.63
C GLN B 265 -5.50 -13.97 -6.58
N GLU B 266 -5.05 -13.14 -5.65
CA GLU B 266 -5.56 -11.78 -5.57
C GLU B 266 -5.24 -11.02 -6.87
N ILE B 267 -4.05 -11.23 -7.43
CA ILE B 267 -3.66 -10.57 -8.67
C ILE B 267 -4.53 -11.03 -9.81
N TYR B 268 -4.76 -12.34 -9.92
CA TYR B 268 -5.55 -12.91 -11.03
C TYR B 268 -7.06 -12.72 -10.92
N LYS B 269 -7.53 -12.46 -9.71
CA LYS B 269 -8.97 -12.42 -9.41
C LYS B 269 -9.83 -11.70 -10.44
N ASP B 270 -9.41 -10.50 -10.85
CA ASP B 270 -10.21 -9.68 -11.77
C ASP B 270 -9.46 -9.40 -13.07
N MET B 271 -9.03 -10.48 -13.73
CA MET B 271 -8.45 -10.42 -15.06
C MET B 271 -9.26 -11.29 -16.00
N TYR B 272 -9.31 -10.92 -17.27
CA TYR B 272 -10.05 -11.69 -18.27
C TYR B 272 -9.43 -11.49 -19.65
C5 B7G C . -6.96 -5.15 -2.98
O5 B7G C . -5.91 -6.15 -3.23
C1 B7G C . -5.98 -6.68 -4.59
C2 B7G C . -7.33 -7.36 -4.81
C3 B7G C . -8.46 -6.41 -4.57
C4 B7G C . -8.36 -5.71 -3.26
C6 B7G C . -6.88 -4.69 -1.56
O1 B7G C . -4.93 -7.57 -4.80
C7 B7G C . -3.71 -6.97 -5.28
C8 B7G C . -2.58 -8.01 -5.21
C9 B7G C . -1.26 -7.44 -5.78
C10 B7G C . -0.42 -6.83 -4.66
C11 B7G C . 1.01 -6.61 -5.17
C12 B7G C . 1.79 -5.82 -4.09
O2 B7G C . -7.37 -7.87 -6.14
O3 B7G C . -9.73 -7.13 -4.60
O4 B7G C . -9.30 -4.64 -3.23
O6 B7G C . -5.75 -3.86 -1.42
C13 B7G C . 2.30 -6.76 -3.00
H5 B7G C . -6.81 -4.39 -3.57
H1 B7G C . -5.90 -5.94 -5.22
H2 B7G C . -7.41 -8.11 -4.19
H3 B7G C . -8.45 -5.75 -5.27
H4 B7G C . -8.58 -6.36 -2.54
H61 B7G C . -7.68 -4.18 -1.34
H62 B7G C . -6.79 -5.46 -0.97
H71 B7G C . -3.83 -6.68 -6.21
H72 B7G C . -3.47 -6.20 -4.72
H81 B7G C . -2.83 -8.82 -5.69
H82 B7G C . -2.43 -8.24 -4.27
H91 B7G C . -1.46 -6.77 -6.45
H92 B7G C . -0.75 -8.16 -6.20
H101 B7G C . -0.40 -7.42 -3.89
H102 B7G C . -0.81 -5.97 -4.39
H111 B7G C . 1.00 -6.11 -6.02
H112 B7G C . 1.43 -7.49 -5.30
H121 B7G C . 1.21 -5.15 -3.70
H122 B7G C . 2.56 -5.38 -4.52
HO2 B7G C . -7.51 -8.75 -6.13
HO3 B7G C . -10.20 -6.88 -5.31
HO4 B7G C . -10.02 -4.88 -2.76
HO6 B7G C . -5.24 -4.17 -0.77
H131 B7G C . 1.55 -7.25 -2.60
H132 B7G C . 2.94 -7.40 -3.40
H133 B7G C . 2.76 -6.25 -2.31
C4 7U1 D . -15.39 16.37 12.80
C5 7U1 D . -15.48 16.09 11.45
C6 7U1 D . -14.39 16.48 10.47
C7 7U1 D . -17.95 14.77 9.04
C8 7U1 D . -17.86 14.75 7.52
C10 7U1 D . -16.80 13.69 5.57
C13 7U1 D . -12.43 15.56 11.69
C15 7U1 D . -11.66 14.87 10.57
C17 7U1 D . -13.17 19.23 10.87
C20 7U1 D . -13.11 21.27 9.61
C21 7U1 D . -14.21 21.71 10.29
C22 7U1 D . -14.78 20.92 11.29
C24 7U1 D . -13.97 24.05 9.39
C26 7U1 D . -16.58 24.66 10.16
C28 7U1 D . -14.49 25.32 9.16
O3 7U1 D . -11.41 17.98 11.69
C16 7U1 D . -12.54 17.91 11.24
C19 7U1 D . -12.58 20.02 9.90
C23 7U1 D . -14.77 23.09 10.00
C25 7U1 D . -16.07 23.42 10.40
C27 7U1 D . -15.79 25.61 9.55
C18 7U1 D . -14.26 19.67 11.58
N 7U1 D . -13.13 16.74 11.12
C14 7U1 D . -12.82 14.15 11.25
C3 7U1 D . -16.43 16.04 13.65
C2 7U1 D . -17.56 15.41 13.17
C1 7U1 D . -17.66 15.14 11.81
C 7U1 D . -16.64 15.50 10.94
O 7U1 D . -16.72 15.28 9.58
C9 7U1 D . -16.82 13.75 7.09
C11 7U1 D . -15.64 12.87 5.02
C12 7U1 D . -15.99 11.40 5.00
O1 7U1 D . -15.83 10.74 6.05
O2 7U1 D . -16.43 10.87 3.96
H3 7U1 D . -14.50 16.84 13.19
H5 7U1 D . -14.71 17.36 9.92
H4 7U1 D . -14.26 15.68 9.74
H7 7U1 D . -18.13 13.76 9.41
H6 7U1 D . -18.77 15.42 9.34
H8 7U1 D . -18.83 14.47 7.11
H9 7U1 D . -17.60 15.74 7.15
H12 7U1 D . -17.74 13.26 5.23
H13 7U1 D . -16.74 14.70 5.18
H16 7U1 D . -11.81 15.66 12.59
H20 7U1 D . -10.66 14.52 10.82
H19 7U1 D . -11.85 15.24 9.56
H23 7U1 D . -12.66 21.89 8.84
H24 7U1 D . -15.65 21.27 11.83
H25 7U1 D . -12.97 23.80 9.09
H27 7U1 D . -17.60 24.92 10.47
H29 7U1 D . -13.89 26.07 8.67
H22 7U1 D . -11.71 19.67 9.37
H26 7U1 D . -16.68 22.67 10.89
H28 7U1 D . -16.19 26.59 9.36
H21 7U1 D . -14.70 19.07 12.36
H17 7U1 D . -12.55 13.34 11.92
H18 7U1 D . -13.74 14.07 10.66
H2 7U1 D . -16.33 16.22 14.71
H1 7U1 D . -18.37 15.14 13.84
H 7U1 D . -18.56 14.68 11.42
H11 7U1 D . -15.84 14.05 7.46
H10 7U1 D . -17.05 12.76 7.49
H14 7U1 D . -15.41 13.20 4.02
H15 7U1 D . -14.76 13.03 5.65
C5 B7G E . -8.45 -1.41 -3.78
O5 B7G E . -8.56 -0.10 -3.13
C1 B7G E . -9.76 0.04 -2.31
C2 B7G E . -11.01 -0.24 -3.14
C3 B7G E . -10.95 -1.57 -3.82
C4 B7G E . -9.70 -1.78 -4.57
C6 B7G E . -7.30 -1.41 -4.71
O1 B7G E . -9.80 1.33 -1.77
C7 B7G E . -9.03 1.53 -0.57
C8 B7G E . -9.14 3.01 -0.17
C9 B7G E . -8.49 3.28 1.19
C10 B7G E . -6.97 3.49 1.02
C11 B7G E . -6.38 4.11 2.31
C12 B7G E . -4.85 4.27 2.17
O2 B7G E . -12.13 -0.21 -2.25
O3 B7G E . -12.07 -1.68 -4.73
O4 B7G E . -9.54 -3.17 -4.90
O6 B7G E . -6.18 -1.00 -3.97
C13 B7G E . -4.48 5.36 1.17
H5 B7G E . -8.30 -2.08 -3.09
H1 B7G E . -9.71 -0.60 -1.58
H2 B7G E . -11.11 0.46 -3.81
H3 B7G E . -11.02 -2.26 -3.14
H4 B7G E . -9.72 -1.25 -5.40
H61 B7G E . -7.45 -0.78 -5.43
H62 B7G E . -7.15 -2.31 -5.06
H71 B7G E . -8.10 1.32 -0.74
H72 B7G E . -9.37 0.96 0.16
H81 B7G E . -8.72 3.57 -0.85
H82 B7G E . -10.10 3.24 -0.10
H91 B7G E . -8.87 4.09 1.58
H92 B7G E . -8.65 2.53 1.80
H101 B7G E . -6.53 2.64 0.83
H102 B7G E . -6.80 4.10 0.27
H111 B7G E . -6.79 4.99 2.48
H112 B7G E . -6.57 3.51 3.06
H121 B7G E . -4.47 3.41 1.89
H122 B7G E . -4.47 4.50 3.05
HO2 B7G E . -12.81 0.24 -2.64
HO3 B7G E . -12.58 -2.38 -4.50
HO4 B7G E . -9.50 -3.26 -5.78
HO6 B7G E . -5.79 -0.31 -4.38
H131 B7G E . -4.88 5.15 0.29
H132 B7G E . -4.80 6.22 1.48
H133 B7G E . -3.51 5.39 1.07
C1 PGO F . -8.12 15.78 12.82
C1 PGO F . -6.67 15.43 13.63
C2 PGO F . -8.17 14.31 13.18
C2 PGO F . -7.94 14.95 12.96
C3 PGO F . -9.58 13.93 13.58
C3 PGO F . -8.92 16.08 12.84
O1 PGO F . -6.80 16.25 13.02
O1 PGO F . -6.68 15.07 15.00
O2 PGO F . -7.30 14.06 14.24
O2 PGO F . -8.52 13.91 13.72
H11 PGO F . -8.72 16.29 13.40
H11 PGO F . -5.90 15.02 13.20
H12 PGO F . -8.37 15.90 11.89
H12 PGO F . -6.61 16.39 13.55
H2 PGO F . -7.91 13.78 12.40
H2 PGO F . -7.72 14.60 12.08
H31 PGO F . -10.00 14.68 14.05
H31 PGO F . -9.63 15.84 12.22
H32 PGO F . -9.55 13.15 14.17
H32 PGO F . -8.46 16.88 12.51
H33 PGO F . -10.10 13.71 12.77
H33 PGO F . -9.30 16.28 13.72
HO1 PGO F . -6.80 17.13 13.03
HO1 PGO F . -6.86 14.21 15.08
HO2 PGO F . -7.06 13.20 14.23
HO2 PGO F . -8.65 13.20 13.21
C1 PGO G . -11.56 29.31 22.37
C2 PGO G . -10.98 28.18 23.20
C3 PGO G . -10.24 27.24 22.30
O1 PGO G . -12.97 29.33 22.50
O2 PGO G . -12.00 27.43 23.84
H11 PGO G . -11.33 29.19 21.43
H12 PGO G . -11.21 30.16 22.68
H2 PGO G . -10.37 28.54 23.87
H31 PGO G . -10.25 26.35 22.69
H32 PGO G . -10.67 27.21 21.42
H33 PGO G . -9.32 27.55 22.21
HO1 PGO G . -13.29 30.10 22.22
HO2 PGO G . -11.69 27.13 24.61
C1 PGO H . -27.79 27.77 6.96
C2 PGO H . -28.84 26.78 7.44
C3 PGO H . -28.24 25.40 7.47
O1 PGO H . -28.06 28.20 5.65
O2 PGO H . -29.97 26.80 6.60
H11 PGO H . -26.91 27.33 6.99
H12 PGO H . -27.78 28.54 7.56
H2 PGO H . -29.12 27.02 8.35
H31 PGO H . -28.17 25.06 6.56
H32 PGO H . -28.82 24.80 7.99
H33 PGO H . -27.36 25.43 7.88
HO1 PGO H . -27.53 28.87 5.45
HO2 PGO H . -30.70 26.98 7.08
C1 PGO I . -13.67 16.36 -4.43
C2 PGO I . -12.25 16.67 -4.04
C3 PGO I . -12.21 17.53 -2.78
O1 PGO I . -14.39 15.96 -3.29
O2 PGO I . -11.61 17.35 -5.10
H11 PGO I . -13.68 15.65 -5.09
H12 PGO I . -14.09 17.16 -4.81
H2 PGO I . -11.77 15.84 -3.87
H31 PGO I . -11.41 18.08 -2.79
H32 PGO I . -12.19 16.95 -2.00
H33 PGO I . -13.00 18.09 -2.75
HO1 PGO I . -15.20 15.70 -3.53
HO2 PGO I . -11.24 16.76 -5.64
C4 7U1 J . 10.13 -18.83 -15.57
C5 7U1 J . 9.07 -18.97 -14.69
C6 7U1 J . 9.29 -18.82 -13.20
C7 7U1 J . 5.50 -19.83 -14.68
C8 7U1 J . 4.67 -20.19 -13.46
C10 7U1 J . 3.52 -19.37 -11.43
C13 7U1 J . 10.49 -16.63 -13.15
C15 7U1 J . 9.58 -15.91 -12.16
C17 7U1 J . 11.92 -20.00 -12.19
C20 7U1 J . 12.51 -21.73 -10.60
C21 7U1 J . 12.52 -22.67 -11.64
C22 7U1 J . 12.26 -22.25 -12.95
C24 7U1 J . 12.61 -25.11 -12.29
C26 7U1 J . 13.90 -25.75 -9.93
C28 7U1 J . 12.94 -26.42 -12.04
O3 7U1 J . 12.59 -17.79 -12.28
C16 7U1 J . 11.64 -18.55 -12.47
C19 7U1 J . 12.19 -20.40 -10.88
C23 7U1 J . 12.89 -24.11 -11.35
C25 7U1 J . 13.55 -24.43 -10.18
C27 7U1 J . 13.59 -26.73 -10.86
C18 7U1 J . 11.94 -20.92 -13.24
N 7U1 J . 10.50 -18.08 -12.92
C14 7U1 J . 9.20 -15.97 -13.64
C3 7U1 J . 9.90 -18.98 -16.93
C2 7U1 J . 8.62 -19.30 -17.40
C1 7U1 J . 7.58 -19.44 -16.50
C 7U1 J . 7.81 -19.30 -15.14
O 7U1 J . 6.81 -19.45 -14.23
C9 7U1 J . 4.49 -19.00 -12.53
C11 7U1 J . 3.25 -18.19 -10.53
C12 7U1 J . 2.22 -17.26 -11.16
O1 7U1 J . 2.64 -16.33 -11.86
O2 7U1 J . 1.01 -17.47 -10.97
H3 7U1 J . 11.11 -18.58 -15.20
H5 7U1 J . 9.35 -19.81 -12.74
H4 7U1 J . 8.44 -18.30 -12.76
H7 7U1 J . 5.03 -18.99 -15.21
H6 7U1 J . 5.56 -20.68 -15.35
H8 7U1 J . 5.17 -21.00 -12.90
H9 7U1 J . 3.69 -20.55 -13.77
H12 7U1 J . 3.93 -20.20 -10.84
H13 7U1 J . 2.58 -19.72 -11.86
H16 7U1 J . 11.42 -16.08 -13.35
H20 7U1 J . 9.94 -14.94 -11.79
H19 7U1 J . 8.99 -16.54 -11.49
H23 7U1 J . 12.72 -22.04 -9.58
H24 7U1 J . 12.27 -22.97 -13.74
H25 7U1 J . 12.09 -24.86 -13.21
H27 7U1 J . 14.42 -26.03 -9.00
H29 7U1 J . 12.71 -27.20 -12.75
H22 7U1 J . 12.18 -19.67 -10.08
H26 7U1 J . 13.79 -23.65 -9.47
H28 7U1 J . 13.87 -27.76 -10.66
H21 7U1 J . 11.73 -20.60 -14.26
H17 7U1 J . 8.38 -16.64 -13.90
H18 7U1 J . 9.33 -15.04 -14.20
H2 7U1 J . 10.72 -18.85 -17.63
H1 7U1 J . 8.43 -19.41 -18.46
H 7U1 J . 6.59 -19.70 -16.86
H11 7U1 J . 4.10 -18.15 -13.09
H10 7U1 J . 5.45 -18.71 -12.10
H14 7U1 J . 4.17 -17.64 -10.35
H15 7U1 J . 2.87 -18.55 -9.56
C1 PEG K . 7.81 5.85 -35.99
O1 PEG K . 9.01 5.33 -36.55
C2 PEG K . 7.87 5.71 -34.46
O2 PEG K . 7.05 6.68 -33.84
C3 PEG K . 7.08 6.58 -32.40
C4 PEG K . 6.61 7.82 -31.80
O4 PEG K . 6.84 7.77 -30.42
H11 PEG K . 7.72 6.79 -36.22
H12 PEG K . 7.04 5.34 -36.33
HO1 PEG K . 9.10 5.64 -37.36
H21 PEG K . 8.79 5.82 -34.16
H22 PEG K . 7.56 4.82 -34.21
H31 PEG K . 7.99 6.41 -32.11
H32 PEG K . 6.50 5.85 -32.11
H41 PEG K . 5.67 7.93 -31.97
H42 PEG K . 7.10 8.56 -32.17
HO4 PEG K . 6.56 8.48 -30.06
#